data_8XOK
#
_entry.id   8XOK
#
_cell.length_a   1.00
_cell.length_b   1.00
_cell.length_c   1.00
_cell.angle_alpha   90.00
_cell.angle_beta   90.00
_cell.angle_gamma   90.00
#
_symmetry.space_group_name_H-M   'P 1'
#
loop_
_entity.id
_entity.type
_entity.pdbx_description
1 polymer 'ATP-binding cassette sub-family C member 4'
2 non-polymer "2-[2-[(1~{S},2~{S},4~{S},5'~{R},6~{R},7~{S},8~{R},9~{S},12~{S},13~{R},16~{S})-5',7,9,13-tetramethylspiro[5-oxapentacyclo[10.8.0.0^{2,9}.0^{4,8}.0^{13,18}]icos-18-ene-6,2'-oxane]-16-yl]oxyethyl]propane-1,3-diol"
3 non-polymer 'PALMITIC ACID'
#
_entity_poly.entity_id   1
_entity_poly.type   'polypeptide(L)'
_entity_poly.pdbx_seq_one_letter_code
;MLPVYQEVKPNPLQDANLCSRVFFWWLNPLFKIGHKRRLEEDDMYSVLPEDRSQHLGEELQGFWDKEVLRAENDAQKPSL
TRAIIKCYWKSYLVLGIFTLIEESAKVIQPIFLGKIINYFENYDPMDSVALNTAYAYATVLTFCTLILAILHHLYFYHVQ
CAGMRLRVAMCHMIYRKALRLSNMAMGKTTTGQIVNLLSNDVNKFDQVTVFLHFLWAGPLQAIAVTALLWMEIGISCLAG
MAVLIILLPLQSCFGKLFSSLRSKTATFTDARIRTMNEVITGIRIIKMYAWEKSFSNLITNLRKKEISKILRSSCLRGMN
LASFFSASKIIVFVTFTTYVLLGSVITASRVFVAVTLYGAVRLTVTLFFPSAIERVSEAIVSIRRIQTFLLLDEISQRNR
QLPSDGKKMVHVQDFTAFWDKASETPTLQGLSFTVRPGELLAVVGPVGAGKSSLLSAVLGELAPSHGLVSVHGRIAYVSQ
QPWVFSGTLRSNILFGKKYEKERYEKVIKACALKKDLQLLEDGDLTVIGDRGTTLSGGQKARVNLARAVYQDADIYLLDD
PLSAVDAEVSRHLFELCICQILHEKITILVTHQLQYLKAASQILILKDGKMVQKGTYTEFLKSGIDFGSLLKKDNEESEQ
PPVPGTPTLRNRTFSESSVWSQQSSRPSLKDGALESQDTENVPVTLSEENRSEGKVGFQAYKNYFRAGAHWIVFIFLILL
NTAAQVAYVLQDWWLSYWANKQSMLNVTVNGGGNVTEKLDLNWYLGIYSGLTVATVLFGIARSLLVFYVLVNSSQTLHNK
MFESILKAPVLFFDRNPIGRILNRFSKDIGHLDDLLPLTFLDFIQTLLQVVGVVSVAVAVIPWIAIPLVPLGIIFIFLRR
YFLETSRDVKRLESTTRSPVFSHLSSSLQGLWTIRAYKAEERCQELFDAHQDLHSEAWFLFLTTSRWFAVRLDAICAMFV
IIVAFGSLILAKTLDAGQVGLALSYALTLMGMFQWCVRQSAEVENMMISVERVIEYTDLEKEAPWEYQKRPPPAWPHEGV
IIFDNVNFMYSPGGPLVLKHLTALIKSQEKVGIVGRTGAGKSSLISALFRLSEPEGKIWIDKILTTEIGLHDLRKKMSII
PQEPVLFTGTMRKNLDPFNEHTDEELWNALQEVQLKETIEDLPGKMDTELAESGSNFSVGQRQLVCLARAILRKNQILII
DEATANVDPRTDELIQKKIREKFAHCTVLTIAHRLNTIIDSDKIMVLDSGRLKEYDEPYVLLQNKESLFYKMVQQLGKAE
AAALTETAKQVYFKRNYPHIGHTDHMVTNTSNGQPSTLTIFETAL
;
_entity_poly.pdbx_strand_id   A
#
# COMPACT_ATOMS: atom_id res chain seq x y z
N GLN A 6 -4.81 -6.55 -31.02
CA GLN A 6 -5.54 -7.64 -31.65
C GLN A 6 -7.04 -7.49 -31.55
N GLU A 7 -7.75 -8.20 -32.42
CA GLU A 7 -9.16 -8.51 -32.17
C GLU A 7 -9.23 -9.54 -31.07
N VAL A 8 -8.88 -9.14 -29.84
CA VAL A 8 -9.00 -10.04 -28.70
C VAL A 8 -10.45 -10.48 -28.61
N LYS A 9 -10.68 -11.62 -27.98
CA LYS A 9 -12.01 -12.22 -27.91
C LYS A 9 -13.03 -11.14 -27.58
N PRO A 10 -13.89 -10.75 -28.51
CA PRO A 10 -14.90 -9.75 -28.19
C PRO A 10 -15.72 -10.25 -27.02
N ASN A 11 -15.97 -9.36 -26.07
CA ASN A 11 -16.57 -9.72 -24.80
C ASN A 11 -17.77 -10.64 -25.04
N PRO A 12 -17.65 -11.93 -24.72
CA PRO A 12 -18.77 -12.84 -25.00
C PRO A 12 -20.06 -12.42 -24.32
N LEU A 13 -20.00 -11.43 -23.45
CA LEU A 13 -21.22 -10.74 -23.00
C LEU A 13 -21.96 -10.12 -24.17
N GLN A 14 -21.29 -9.83 -25.28
CA GLN A 14 -21.97 -9.32 -26.46
C GLN A 14 -22.91 -10.36 -27.06
N ASP A 15 -22.41 -11.57 -27.28
CA ASP A 15 -23.17 -12.61 -27.95
C ASP A 15 -23.91 -13.52 -26.99
N ALA A 16 -23.82 -13.27 -25.68
CA ALA A 16 -24.52 -14.09 -24.70
C ALA A 16 -25.99 -13.73 -24.68
N ASN A 17 -26.85 -14.74 -24.77
CA ASN A 17 -28.29 -14.53 -24.65
C ASN A 17 -28.65 -14.27 -23.19
N LEU A 18 -29.94 -14.13 -22.91
CA LEU A 18 -30.37 -13.75 -21.57
C LEU A 18 -30.04 -14.83 -20.55
N CYS A 19 -30.26 -16.10 -20.88
CA CYS A 19 -29.97 -17.18 -19.94
C CYS A 19 -28.48 -17.24 -19.63
N SER A 20 -27.64 -17.15 -20.67
CA SER A 20 -26.21 -17.19 -20.47
C SER A 20 -25.74 -16.01 -19.63
N ARG A 21 -26.28 -14.83 -19.88
CA ARG A 21 -25.93 -13.66 -19.08
C ARG A 21 -26.35 -13.83 -17.63
N VAL A 22 -27.53 -14.44 -17.40
CA VAL A 22 -28.01 -14.63 -16.05
C VAL A 22 -27.11 -15.59 -15.29
N PHE A 23 -26.73 -16.70 -15.92
CA PHE A 23 -25.91 -17.70 -15.27
C PHE A 23 -24.42 -17.50 -15.47
N PHE A 24 -24.02 -16.45 -16.19
CA PHE A 24 -22.61 -16.19 -16.51
C PHE A 24 -21.97 -17.38 -17.19
N TRP A 25 -22.75 -18.04 -18.05
CA TRP A 25 -22.25 -19.22 -18.75
C TRP A 25 -21.12 -18.87 -19.70
N TRP A 26 -21.16 -17.68 -20.29
CA TRP A 26 -20.17 -17.28 -21.27
C TRP A 26 -18.78 -17.17 -20.67
N LEU A 27 -18.66 -17.08 -19.35
CA LEU A 27 -17.36 -17.04 -18.69
C LEU A 27 -16.72 -18.42 -18.58
N ASN A 28 -17.45 -19.49 -18.91
CA ASN A 28 -16.91 -20.82 -18.73
C ASN A 28 -15.59 -21.07 -19.46
N PRO A 29 -15.41 -20.68 -20.72
CA PRO A 29 -14.12 -20.97 -21.38
C PRO A 29 -12.92 -20.39 -20.65
N LEU A 30 -13.03 -19.16 -20.14
CA LEU A 30 -11.89 -18.54 -19.46
C LEU A 30 -11.40 -19.41 -18.32
N PHE A 31 -12.31 -19.82 -17.43
CA PHE A 31 -11.93 -20.66 -16.30
C PHE A 31 -11.17 -21.88 -16.77
N LYS A 32 -11.56 -22.45 -17.91
CA LYS A 32 -10.87 -23.63 -18.41
C LYS A 32 -9.39 -23.35 -18.56
N ILE A 33 -9.04 -22.29 -19.28
CA ILE A 33 -7.62 -21.97 -19.41
C ILE A 33 -7.06 -21.54 -18.07
N GLY A 34 -7.87 -20.86 -17.25
CA GLY A 34 -7.42 -20.50 -15.92
C GLY A 34 -7.11 -21.69 -15.06
N HIS A 35 -7.68 -22.85 -15.38
CA HIS A 35 -7.34 -24.08 -14.68
C HIS A 35 -6.18 -24.80 -15.34
N LYS A 36 -6.00 -24.60 -16.65
CA LYS A 36 -4.94 -25.29 -17.37
C LYS A 36 -3.58 -24.66 -17.11
N ARG A 37 -3.52 -23.34 -17.03
CA ARG A 37 -2.25 -22.63 -16.91
C ARG A 37 -2.47 -21.33 -16.17
N ARG A 38 -1.47 -20.46 -16.22
CA ARG A 38 -1.49 -19.18 -15.52
C ARG A 38 -2.00 -18.09 -16.46
N LEU A 39 -2.96 -17.31 -15.97
CA LEU A 39 -3.57 -16.28 -16.81
C LEU A 39 -2.61 -15.12 -17.03
N GLU A 40 -2.66 -14.55 -18.22
CA GLU A 40 -1.87 -13.37 -18.55
C GLU A 40 -2.77 -12.27 -19.09
N GLU A 41 -2.18 -11.18 -19.56
CA GLU A 41 -2.97 -10.09 -20.11
C GLU A 41 -3.50 -10.40 -21.49
N ASP A 42 -2.91 -11.37 -22.19
CA ASP A 42 -3.39 -11.70 -23.53
C ASP A 42 -4.69 -12.51 -23.48
N ASP A 43 -4.89 -13.30 -22.43
CA ASP A 43 -6.08 -14.14 -22.25
C ASP A 43 -7.26 -13.35 -21.72
N MET A 44 -7.27 -12.06 -21.94
CA MET A 44 -8.20 -11.13 -21.32
C MET A 44 -9.31 -10.78 -22.31
N TYR A 45 -10.34 -10.10 -21.82
CA TYR A 45 -11.49 -9.70 -22.62
C TYR A 45 -11.58 -8.19 -22.68
N SER A 46 -11.63 -7.65 -23.91
CA SER A 46 -11.70 -6.22 -24.09
C SER A 46 -13.03 -5.67 -23.59
N VAL A 47 -13.00 -4.43 -23.12
CA VAL A 47 -14.21 -3.83 -22.61
C VAL A 47 -15.22 -3.64 -23.74
N LEU A 48 -16.48 -3.57 -23.38
CA LEU A 48 -17.53 -3.39 -24.35
C LEU A 48 -17.42 -2.00 -24.98
N PRO A 49 -17.90 -1.83 -26.21
CA PRO A 49 -17.74 -0.52 -26.86
C PRO A 49 -18.36 0.62 -26.09
N GLU A 50 -19.42 0.36 -25.31
CA GLU A 50 -20.03 1.40 -24.49
C GLU A 50 -19.31 1.60 -23.18
N ASP A 51 -18.27 0.80 -22.89
CA ASP A 51 -17.50 0.93 -21.66
C ASP A 51 -16.09 1.45 -21.91
N ARG A 52 -15.77 1.84 -23.14
CA ARG A 52 -14.47 2.43 -23.41
C ARG A 52 -14.32 3.74 -22.65
N SER A 53 -13.14 3.95 -22.08
CA SER A 53 -12.91 5.13 -21.26
C SER A 53 -13.14 6.42 -22.03
N GLN A 54 -12.77 6.44 -23.31
CA GLN A 54 -12.97 7.62 -24.12
C GLN A 54 -14.44 7.98 -24.23
N HIS A 55 -15.29 6.97 -24.45
CA HIS A 55 -16.72 7.22 -24.63
C HIS A 55 -17.34 7.81 -23.36
N LEU A 56 -17.11 7.17 -22.21
CA LEU A 56 -17.66 7.66 -20.97
C LEU A 56 -17.11 9.04 -20.63
N GLY A 57 -15.81 9.25 -20.87
CA GLY A 57 -15.23 10.56 -20.62
C GLY A 57 -15.89 11.64 -21.45
N GLU A 58 -16.11 11.38 -22.73
CA GLU A 58 -16.76 12.37 -23.58
C GLU A 58 -18.17 12.66 -23.11
N GLU A 59 -18.94 11.62 -22.76
CA GLU A 59 -20.32 11.86 -22.37
C GLU A 59 -20.40 12.64 -21.05
N LEU A 60 -19.57 12.29 -20.08
CA LEU A 60 -19.60 13.05 -18.83
C LEU A 60 -19.03 14.44 -19.00
N GLN A 61 -18.07 14.62 -19.91
CA GLN A 61 -17.61 15.96 -20.23
C GLN A 61 -18.73 16.82 -20.79
N GLY A 62 -19.52 16.25 -21.70
CA GLY A 62 -20.67 16.99 -22.21
C GLY A 62 -21.63 17.37 -21.11
N PHE A 63 -21.95 16.42 -20.23
CA PHE A 63 -22.90 16.71 -19.17
C PHE A 63 -22.37 17.76 -18.20
N TRP A 64 -21.10 17.66 -17.83
CA TRP A 64 -20.52 18.61 -16.88
C TRP A 64 -20.38 19.99 -17.50
N ASP A 65 -20.06 20.07 -18.80
CA ASP A 65 -20.01 21.36 -19.46
C ASP A 65 -21.39 22.00 -19.52
N LYS A 66 -22.42 21.20 -19.82
CA LYS A 66 -23.77 21.74 -19.80
C LYS A 66 -24.15 22.23 -18.41
N GLU A 67 -23.78 21.49 -17.37
CA GLU A 67 -24.07 21.91 -16.01
C GLU A 67 -23.37 23.22 -15.67
N VAL A 68 -22.10 23.35 -16.08
CA VAL A 68 -21.37 24.58 -15.81
C VAL A 68 -21.99 25.76 -16.54
N LEU A 69 -22.40 25.55 -17.80
CA LEU A 69 -23.05 26.62 -18.55
C LEU A 69 -24.36 27.04 -17.88
N ARG A 70 -25.16 26.05 -17.44
CA ARG A 70 -26.41 26.38 -16.76
C ARG A 70 -26.15 27.14 -15.46
N ALA A 71 -25.15 26.71 -14.69
CA ALA A 71 -24.83 27.40 -13.45
C ALA A 71 -24.41 28.84 -13.71
N GLU A 72 -23.59 29.05 -14.74
CA GLU A 72 -23.22 30.42 -15.10
C GLU A 72 -24.44 31.22 -15.53
N ASN A 73 -25.36 30.60 -16.25
CA ASN A 73 -26.56 31.32 -16.69
C ASN A 73 -27.40 31.76 -15.50
N ASP A 74 -27.57 30.88 -14.52
CA ASP A 74 -28.37 31.21 -13.34
C ASP A 74 -27.54 31.65 -12.14
N ALA A 75 -26.24 31.85 -12.34
CA ALA A 75 -25.36 32.53 -11.37
C ALA A 75 -25.34 31.82 -10.02
N GLN A 76 -24.97 30.54 -10.04
CA GLN A 76 -24.67 29.80 -8.83
C GLN A 76 -23.44 28.93 -9.06
N LYS A 77 -22.91 28.40 -7.98
CA LYS A 77 -21.75 27.52 -8.08
C LYS A 77 -22.15 26.20 -8.72
N PRO A 78 -21.47 25.77 -9.79
CA PRO A 78 -21.84 24.50 -10.42
C PRO A 78 -21.60 23.32 -9.49
N SER A 79 -22.43 22.29 -9.65
CA SER A 79 -22.38 21.11 -8.80
C SER A 79 -22.04 19.90 -9.66
N LEU A 80 -21.03 19.13 -9.25
CA LEU A 80 -20.70 17.91 -9.96
C LEU A 80 -21.75 16.83 -9.73
N THR A 81 -22.34 16.78 -8.54
CA THR A 81 -23.36 15.78 -8.25
C THR A 81 -24.57 15.97 -9.17
N ARG A 82 -24.91 17.22 -9.47
CA ARG A 82 -25.99 17.48 -10.41
C ARG A 82 -25.70 16.85 -11.76
N ALA A 83 -24.47 17.03 -12.26
CA ALA A 83 -24.10 16.46 -13.56
C ALA A 83 -24.10 14.94 -13.52
N ILE A 84 -23.56 14.34 -12.45
CA ILE A 84 -23.53 12.89 -12.35
C ILE A 84 -24.94 12.32 -12.34
N ILE A 85 -25.84 12.95 -11.58
CA ILE A 85 -27.22 12.49 -11.54
C ILE A 85 -27.86 12.65 -12.90
N LYS A 86 -27.74 13.83 -13.50
CA LYS A 86 -28.32 14.05 -14.82
C LYS A 86 -27.77 13.09 -15.86
N CYS A 87 -26.60 12.51 -15.62
CA CYS A 87 -26.02 11.56 -16.55
C CYS A 87 -26.53 10.14 -16.32
N TYR A 88 -26.53 9.67 -15.08
CA TYR A 88 -26.77 8.25 -14.80
C TYR A 88 -28.11 7.95 -14.15
N TRP A 89 -28.99 8.94 -14.01
CA TRP A 89 -30.23 8.72 -13.27
C TRP A 89 -31.16 7.77 -13.99
N LYS A 90 -31.22 7.84 -15.32
CA LYS A 90 -32.10 6.93 -16.06
C LYS A 90 -31.66 5.49 -15.88
N SER A 91 -30.37 5.22 -16.12
CA SER A 91 -29.85 3.87 -16.02
C SER A 91 -29.85 3.36 -14.59
N TYR A 92 -29.90 4.25 -13.59
CA TYR A 92 -30.00 3.75 -12.23
C TYR A 92 -31.44 3.53 -11.77
N LEU A 93 -32.36 4.42 -12.14
CA LEU A 93 -33.75 4.21 -11.78
C LEU A 93 -34.32 3.00 -12.50
N VAL A 94 -33.80 2.67 -13.69
CA VAL A 94 -34.20 1.42 -14.32
C VAL A 94 -33.75 0.24 -13.49
N LEU A 95 -32.51 0.29 -12.98
CA LEU A 95 -32.00 -0.81 -12.17
C LEU A 95 -32.74 -0.94 -10.85
N GLY A 96 -33.31 0.16 -10.35
CA GLY A 96 -34.04 0.11 -9.10
C GLY A 96 -35.26 -0.79 -9.11
N ILE A 97 -35.79 -1.09 -10.30
CA ILE A 97 -36.95 -1.97 -10.39
C ILE A 97 -36.61 -3.35 -9.82
N PHE A 98 -35.45 -3.89 -10.16
CA PHE A 98 -35.12 -5.21 -9.65
C PHE A 98 -34.82 -5.19 -8.16
N THR A 99 -34.27 -4.09 -7.64
CA THR A 99 -34.08 -4.06 -6.19
C THR A 99 -35.41 -3.98 -5.46
N LEU A 100 -36.40 -3.30 -6.05
CA LEU A 100 -37.75 -3.34 -5.49
C LEU A 100 -38.31 -4.76 -5.52
N ILE A 101 -38.12 -5.45 -6.65
CA ILE A 101 -38.62 -6.82 -6.77
C ILE A 101 -37.94 -7.73 -5.74
N GLU A 102 -36.63 -7.58 -5.56
CA GLU A 102 -35.90 -8.41 -4.62
C GLU A 102 -36.33 -8.14 -3.19
N GLU A 103 -36.53 -6.87 -2.82
CA GLU A 103 -37.02 -6.55 -1.49
C GLU A 103 -38.40 -7.14 -1.26
N SER A 104 -39.27 -7.05 -2.27
CA SER A 104 -40.60 -7.63 -2.14
C SER A 104 -40.53 -9.14 -1.96
N ALA A 105 -39.63 -9.80 -2.70
CA ALA A 105 -39.49 -11.24 -2.56
C ALA A 105 -39.00 -11.61 -1.17
N LYS A 106 -38.00 -10.88 -0.67
CA LYS A 106 -37.50 -11.16 0.67
C LYS A 106 -38.57 -10.94 1.72
N VAL A 107 -39.45 -9.96 1.52
CA VAL A 107 -40.51 -9.71 2.49
C VAL A 107 -41.58 -10.80 2.42
N ILE A 108 -41.96 -11.23 1.22
CA ILE A 108 -43.09 -12.14 1.08
C ILE A 108 -42.72 -13.61 1.21
N GLN A 109 -41.43 -13.94 1.22
CA GLN A 109 -41.04 -15.33 1.43
C GLN A 109 -41.48 -15.87 2.79
N PRO A 110 -41.31 -15.16 3.91
CA PRO A 110 -41.82 -15.68 5.19
C PRO A 110 -43.32 -15.91 5.21
N ILE A 111 -44.09 -15.20 4.40
CA ILE A 111 -45.54 -15.42 4.37
C ILE A 111 -45.83 -16.85 3.92
N PHE A 112 -45.16 -17.30 2.87
CA PHE A 112 -45.39 -18.66 2.38
C PHE A 112 -44.72 -19.70 3.27
N LEU A 113 -43.61 -19.34 3.93
CA LEU A 113 -43.09 -20.22 4.97
C LEU A 113 -44.15 -20.46 6.04
N GLY A 114 -44.81 -19.40 6.47
CA GLY A 114 -45.89 -19.54 7.43
C GLY A 114 -47.07 -20.32 6.90
N LYS A 115 -47.36 -20.20 5.60
CA LYS A 115 -48.42 -21.00 5.01
C LYS A 115 -48.09 -22.49 5.11
N ILE A 116 -46.84 -22.86 4.83
CA ILE A 116 -46.45 -24.26 4.96
C ILE A 116 -46.56 -24.72 6.40
N ILE A 117 -46.05 -23.93 7.33
CA ILE A 117 -46.12 -24.33 8.74
C ILE A 117 -47.57 -24.44 9.19
N ASN A 118 -48.43 -23.53 8.70
CA ASN A 118 -49.83 -23.57 9.05
C ASN A 118 -50.50 -24.83 8.51
N TYR A 119 -50.08 -25.29 7.34
CA TYR A 119 -50.53 -26.59 6.88
C TYR A 119 -50.12 -27.68 7.86
N PHE A 120 -48.88 -27.61 8.34
CA PHE A 120 -48.40 -28.64 9.26
C PHE A 120 -49.13 -28.60 10.60
N GLU A 121 -49.62 -27.42 10.99
CA GLU A 121 -50.28 -27.27 12.29
C GLU A 121 -51.63 -27.95 12.33
N ASN A 122 -52.33 -27.99 11.20
CA ASN A 122 -53.67 -28.56 11.11
C ASN A 122 -53.64 -29.88 10.34
N TYR A 123 -52.61 -30.68 10.58
CA TYR A 123 -52.35 -31.86 9.76
C TYR A 123 -53.54 -32.82 9.78
N ASP A 124 -53.87 -33.31 8.58
CA ASP A 124 -54.89 -34.33 8.39
C ASP A 124 -54.43 -35.24 7.26
N PRO A 125 -54.03 -36.47 7.54
CA PRO A 125 -53.42 -37.32 6.50
C PRO A 125 -54.35 -37.62 5.33
N MET A 126 -55.67 -37.58 5.54
CA MET A 126 -56.61 -37.90 4.48
C MET A 126 -57.04 -36.68 3.67
N ASP A 127 -56.51 -35.50 3.98
CA ASP A 127 -56.88 -34.28 3.27
C ASP A 127 -55.89 -34.08 2.13
N SER A 128 -56.27 -34.49 0.92
CA SER A 128 -55.38 -34.34 -0.23
C SER A 128 -55.35 -32.90 -0.73
N VAL A 129 -56.47 -32.18 -0.65
CA VAL A 129 -56.52 -30.81 -1.15
C VAL A 129 -55.56 -29.93 -0.36
N ALA A 130 -55.51 -30.12 0.96
CA ALA A 130 -54.57 -29.37 1.77
C ALA A 130 -53.14 -29.70 1.38
N LEU A 131 -52.86 -30.96 1.07
CA LEU A 131 -51.52 -31.34 0.63
C LEU A 131 -51.15 -30.65 -0.68
N ASN A 132 -52.08 -30.61 -1.64
CA ASN A 132 -51.80 -29.94 -2.90
C ASN A 132 -51.58 -28.44 -2.68
N THR A 133 -52.38 -27.83 -1.82
CA THR A 133 -52.20 -26.41 -1.53
C THR A 133 -50.85 -26.14 -0.88
N ALA A 134 -50.43 -27.02 0.02
CA ALA A 134 -49.13 -26.88 0.65
C ALA A 134 -48.00 -27.04 -0.37
N TYR A 135 -48.17 -27.97 -1.31
CA TYR A 135 -47.18 -28.12 -2.37
C TYR A 135 -47.09 -26.86 -3.22
N ALA A 136 -48.23 -26.24 -3.51
CA ALA A 136 -48.22 -24.98 -4.26
C ALA A 136 -47.51 -23.89 -3.47
N TYR A 137 -47.75 -23.83 -2.16
CA TYR A 137 -47.07 -22.83 -1.33
C TYR A 137 -45.57 -23.06 -1.33
N ALA A 138 -45.14 -24.33 -1.25
CA ALA A 138 -43.72 -24.63 -1.32
C ALA A 138 -43.13 -24.27 -2.67
N THR A 139 -43.89 -24.48 -3.75
CA THR A 139 -43.43 -24.09 -5.07
C THR A 139 -43.24 -22.58 -5.17
N VAL A 140 -44.18 -21.82 -4.61
CA VAL A 140 -44.02 -20.37 -4.62
C VAL A 140 -42.82 -19.96 -3.78
N LEU A 141 -42.60 -20.64 -2.66
CA LEU A 141 -41.46 -20.33 -1.81
C LEU A 141 -40.13 -20.58 -2.52
N THR A 142 -40.03 -21.71 -3.24
CA THR A 142 -38.78 -21.96 -3.97
C THR A 142 -38.64 -21.04 -5.18
N PHE A 143 -39.75 -20.62 -5.79
CA PHE A 143 -39.68 -19.60 -6.84
C PHE A 143 -39.06 -18.34 -6.27
N CYS A 144 -39.53 -17.91 -5.10
CA CYS A 144 -39.00 -16.70 -4.48
C CYS A 144 -37.53 -16.85 -4.11
N THR A 145 -37.14 -18.01 -3.57
CA THR A 145 -35.74 -18.16 -3.20
C THR A 145 -34.84 -18.27 -4.42
N LEU A 146 -35.35 -18.81 -5.53
CA LEU A 146 -34.59 -18.78 -6.78
C LEU A 146 -34.41 -17.36 -7.27
N ILE A 147 -35.45 -16.53 -7.16
CA ILE A 147 -35.31 -15.11 -7.50
C ILE A 147 -34.21 -14.48 -6.65
N LEU A 148 -34.19 -14.79 -5.36
CA LEU A 148 -33.17 -14.22 -4.49
C LEU A 148 -31.77 -14.75 -4.81
N ALA A 149 -31.65 -16.00 -5.25
CA ALA A 149 -30.35 -16.64 -5.37
C ALA A 149 -29.75 -16.48 -6.77
N ILE A 150 -30.43 -16.98 -7.79
CA ILE A 150 -29.84 -17.05 -9.12
C ILE A 150 -30.16 -15.86 -9.99
N LEU A 151 -31.01 -14.94 -9.53
CA LEU A 151 -31.40 -13.80 -10.33
C LEU A 151 -30.85 -12.47 -9.84
N HIS A 152 -30.45 -12.40 -8.56
CA HIS A 152 -29.94 -11.15 -8.01
C HIS A 152 -28.54 -10.82 -8.51
N HIS A 153 -27.80 -11.81 -9.00
CA HIS A 153 -26.39 -11.59 -9.30
C HIS A 153 -26.19 -10.80 -10.59
N LEU A 154 -27.03 -11.00 -11.59
CA LEU A 154 -26.95 -10.15 -12.78
C LEU A 154 -27.23 -8.70 -12.43
N TYR A 155 -28.23 -8.46 -11.58
CA TYR A 155 -28.51 -7.11 -11.14
C TYR A 155 -27.35 -6.52 -10.35
N PHE A 156 -26.73 -7.33 -9.50
CA PHE A 156 -25.56 -6.85 -8.76
C PHE A 156 -24.42 -6.50 -9.70
N TYR A 157 -24.20 -7.31 -10.72
CA TYR A 157 -23.15 -7.02 -11.69
C TYR A 157 -23.45 -5.73 -12.42
N HIS A 158 -24.72 -5.50 -12.79
CA HIS A 158 -25.06 -4.26 -13.47
C HIS A 158 -24.86 -3.04 -12.57
N VAL A 159 -25.19 -3.18 -11.29
CA VAL A 159 -24.95 -2.09 -10.34
C VAL A 159 -23.46 -1.79 -10.25
N GLN A 160 -22.64 -2.82 -10.09
CA GLN A 160 -21.20 -2.62 -10.02
C GLN A 160 -20.66 -2.03 -11.31
N CYS A 161 -21.24 -2.40 -12.45
CA CYS A 161 -20.85 -1.80 -13.72
C CYS A 161 -21.18 -0.32 -13.75
N ALA A 162 -22.32 0.08 -13.18
CA ALA A 162 -22.64 1.50 -13.12
C ALA A 162 -21.59 2.24 -12.30
N GLY A 163 -21.20 1.66 -11.16
CA GLY A 163 -20.15 2.29 -10.36
C GLY A 163 -18.82 2.38 -11.09
N MET A 164 -18.44 1.31 -11.79
CA MET A 164 -17.19 1.30 -12.54
C MET A 164 -17.24 2.33 -13.67
N ARG A 165 -18.39 2.47 -14.32
CA ARG A 165 -18.54 3.47 -15.37
C ARG A 165 -18.35 4.87 -14.80
N LEU A 166 -18.94 5.14 -13.64
CA LEU A 166 -18.72 6.43 -13.01
C LEU A 166 -17.25 6.65 -12.70
N ARG A 167 -16.57 5.64 -12.17
CA ARG A 167 -15.16 5.78 -11.81
C ARG A 167 -14.31 6.07 -13.06
N VAL A 168 -14.54 5.32 -14.13
CA VAL A 168 -13.75 5.50 -15.34
C VAL A 168 -13.99 6.88 -15.93
N ALA A 169 -15.25 7.31 -15.98
CA ALA A 169 -15.54 8.64 -16.52
C ALA A 169 -14.88 9.72 -15.67
N MET A 170 -14.93 9.57 -14.34
CA MET A 170 -14.31 10.56 -13.46
C MET A 170 -12.81 10.63 -13.69
N CYS A 171 -12.17 9.47 -13.86
CA CYS A 171 -10.73 9.46 -14.11
C CYS A 171 -10.39 10.14 -15.43
N HIS A 172 -11.19 9.90 -16.46
CA HIS A 172 -10.97 10.58 -17.73
C HIS A 172 -11.11 12.09 -17.57
N MET A 173 -12.14 12.53 -16.84
CA MET A 173 -12.28 13.95 -16.52
C MET A 173 -11.03 14.49 -15.84
N ILE A 174 -10.54 13.78 -14.82
CA ILE A 174 -9.43 14.28 -14.02
C ILE A 174 -8.18 14.42 -14.87
N TYR A 175 -7.89 13.41 -15.71
CA TYR A 175 -6.72 13.52 -16.57
C TYR A 175 -6.87 14.64 -17.57
N ARG A 176 -8.05 14.78 -18.17
CA ARG A 176 -8.25 15.84 -19.15
C ARG A 176 -8.05 17.22 -18.51
N LYS A 177 -8.50 17.38 -17.27
CA LYS A 177 -8.28 18.64 -16.58
C LYS A 177 -6.81 18.84 -16.25
N ALA A 178 -6.15 17.79 -15.73
CA ALA A 178 -4.76 17.91 -15.31
C ALA A 178 -3.87 18.30 -16.48
N LEU A 179 -4.15 17.75 -17.67
CA LEU A 179 -3.36 18.10 -18.83
C LEU A 179 -3.57 19.54 -19.25
N ARG A 180 -4.61 20.21 -18.76
CA ARG A 180 -4.91 21.58 -19.13
C ARG A 180 -4.76 22.54 -17.95
N LEU A 181 -4.11 22.12 -16.88
CA LEU A 181 -3.97 22.97 -15.71
C LEU A 181 -3.08 24.17 -16.01
N SER A 182 -3.28 25.23 -15.24
CA SER A 182 -2.45 26.42 -15.39
C SER A 182 -1.19 26.29 -14.54
N ASN A 183 -0.25 27.21 -14.76
CA ASN A 183 1.01 27.16 -14.04
C ASN A 183 0.82 27.46 -12.56
N MET A 184 0.10 28.53 -12.24
CA MET A 184 -0.09 28.90 -10.83
C MET A 184 -1.00 27.92 -10.12
N ALA A 185 -2.00 27.38 -10.83
CA ALA A 185 -2.82 26.32 -10.25
C ALA A 185 -1.98 25.07 -10.00
N MET A 186 -1.04 24.77 -10.90
CA MET A 186 -0.12 23.67 -10.66
C MET A 186 0.74 23.92 -9.43
N GLY A 187 1.14 25.18 -9.24
CA GLY A 187 1.92 25.52 -8.05
C GLY A 187 1.12 25.39 -6.78
N LYS A 188 -0.17 25.75 -6.83
CA LYS A 188 -1.01 25.67 -5.63
C LYS A 188 -1.14 24.24 -5.13
N THR A 189 -1.35 23.30 -6.05
CA THR A 189 -1.49 21.90 -5.71
C THR A 189 -0.16 21.17 -5.95
N THR A 190 -0.19 19.85 -5.85
CA THR A 190 0.98 19.04 -6.13
C THR A 190 0.54 17.77 -6.85
N THR A 191 1.48 17.16 -7.58
CA THR A 191 1.17 15.97 -8.34
C THR A 191 0.71 14.83 -7.43
N GLY A 192 1.21 14.78 -6.20
CA GLY A 192 0.77 13.77 -5.26
C GLY A 192 -0.72 13.88 -4.98
N GLN A 193 -1.23 15.11 -4.86
CA GLN A 193 -2.66 15.29 -4.63
C GLN A 193 -3.49 14.75 -5.78
N ILE A 194 -3.07 15.02 -7.02
CA ILE A 194 -3.83 14.57 -8.17
C ILE A 194 -3.77 13.05 -8.30
N VAL A 195 -2.59 12.47 -8.05
CA VAL A 195 -2.47 11.01 -8.11
C VAL A 195 -3.32 10.37 -7.02
N ASN A 196 -3.40 11.00 -5.85
CA ASN A 196 -4.29 10.51 -4.80
C ASN A 196 -5.74 10.63 -5.22
N LEU A 197 -6.09 11.72 -5.93
CA LEU A 197 -7.43 11.88 -6.45
C LEU A 197 -7.80 10.71 -7.37
N LEU A 198 -6.87 10.33 -8.24
CA LEU A 198 -7.11 9.23 -9.15
C LEU A 198 -7.02 7.87 -8.48
N SER A 199 -6.35 7.78 -7.33
CA SER A 199 -6.02 6.49 -6.73
C SER A 199 -7.06 6.04 -5.71
N ASN A 200 -7.25 6.82 -4.65
CA ASN A 200 -8.17 6.46 -3.58
C ASN A 200 -9.39 7.34 -3.51
N ASP A 201 -9.32 8.56 -4.04
CA ASP A 201 -10.44 9.49 -3.92
C ASP A 201 -11.52 9.20 -4.94
N VAL A 202 -11.24 8.39 -5.95
CA VAL A 202 -12.23 8.06 -6.97
C VAL A 202 -12.73 6.62 -6.84
N ASN A 203 -12.04 5.77 -6.07
CA ASN A 203 -12.49 4.40 -5.90
C ASN A 203 -13.78 4.32 -5.09
N LYS A 204 -14.14 5.38 -4.37
CA LYS A 204 -15.39 5.37 -3.62
C LYS A 204 -16.59 5.15 -4.53
N PHE A 205 -16.53 5.64 -5.76
CA PHE A 205 -17.62 5.43 -6.70
C PHE A 205 -17.82 3.97 -7.05
N ASP A 206 -16.81 3.12 -6.83
CA ASP A 206 -16.99 1.69 -7.03
C ASP A 206 -17.84 1.06 -5.94
N GLN A 207 -18.04 1.74 -4.83
CA GLN A 207 -18.73 1.18 -3.67
C GLN A 207 -20.10 1.77 -3.42
N VAL A 208 -20.24 3.11 -3.54
CA VAL A 208 -21.50 3.76 -3.21
C VAL A 208 -22.64 3.15 -4.02
N THR A 209 -22.41 2.96 -5.32
CA THR A 209 -23.45 2.45 -6.19
C THR A 209 -23.96 1.08 -5.77
N VAL A 210 -23.17 0.33 -4.99
CA VAL A 210 -23.61 -0.99 -4.55
C VAL A 210 -24.81 -0.87 -3.63
N PHE A 211 -24.83 0.15 -2.79
CA PHE A 211 -25.85 0.29 -1.76
C PHE A 211 -26.75 1.50 -1.94
N LEU A 212 -26.56 2.27 -3.02
CA LEU A 212 -27.28 3.52 -3.17
C LEU A 212 -28.79 3.30 -3.10
N HIS A 213 -29.29 2.30 -3.82
CA HIS A 213 -30.72 2.05 -3.85
C HIS A 213 -31.26 1.71 -2.47
N PHE A 214 -30.44 1.10 -1.62
CA PHE A 214 -30.90 0.76 -0.28
C PHE A 214 -31.33 2.00 0.49
N LEU A 215 -30.83 3.19 0.11
CA LEU A 215 -31.24 4.41 0.78
C LEU A 215 -32.75 4.56 0.79
N TRP A 216 -33.44 4.05 -0.24
CA TRP A 216 -34.88 3.99 -0.21
C TRP A 216 -35.44 2.60 0.04
N ALA A 217 -34.64 1.55 -0.15
CA ALA A 217 -35.15 0.21 0.09
C ALA A 217 -35.20 -0.11 1.58
N GLY A 218 -34.20 0.34 2.33
CA GLY A 218 -34.13 0.09 3.75
C GLY A 218 -35.31 0.64 4.51
N PRO A 219 -35.48 1.97 4.49
CA PRO A 219 -36.63 2.56 5.20
C PRO A 219 -37.97 2.04 4.73
N LEU A 220 -38.10 1.71 3.45
CA LEU A 220 -39.37 1.22 2.93
C LEU A 220 -39.61 -0.22 3.38
N GLN A 221 -38.70 -1.13 3.02
CA GLN A 221 -38.89 -2.55 3.32
C GLN A 221 -39.14 -2.77 4.81
N ALA A 222 -38.32 -2.13 5.66
CA ALA A 222 -38.51 -2.25 7.10
C ALA A 222 -39.95 -1.94 7.49
N ILE A 223 -40.48 -0.83 6.98
CA ILE A 223 -41.86 -0.47 7.29
C ILE A 223 -42.78 -1.62 6.92
N ALA A 224 -42.64 -2.13 5.69
CA ALA A 224 -43.46 -3.26 5.26
C ALA A 224 -43.34 -4.41 6.24
N VAL A 225 -42.11 -4.77 6.60
CA VAL A 225 -41.91 -5.88 7.53
C VAL A 225 -42.68 -5.62 8.82
N THR A 226 -42.55 -4.40 9.36
CA THR A 226 -43.25 -4.08 10.59
C THR A 226 -44.74 -4.34 10.43
N ALA A 227 -45.33 -3.84 9.33
CA ALA A 227 -46.74 -4.09 9.09
C ALA A 227 -47.03 -5.58 9.14
N LEU A 228 -46.26 -6.36 8.38
CA LEU A 228 -46.49 -7.80 8.37
C LEU A 228 -46.37 -8.37 9.77
N LEU A 229 -45.34 -7.95 10.51
CA LEU A 229 -45.15 -8.48 11.86
C LEU A 229 -46.37 -8.19 12.71
N TRP A 230 -46.93 -6.97 12.58
CA TRP A 230 -48.14 -6.66 13.31
C TRP A 230 -49.23 -7.66 12.97
N MET A 231 -49.49 -7.84 11.67
CA MET A 231 -50.52 -8.76 11.22
C MET A 231 -50.34 -10.16 11.81
N GLU A 232 -49.13 -10.49 12.24
CA GLU A 232 -48.88 -11.78 12.87
C GLU A 232 -49.08 -11.73 14.37
N ILE A 233 -48.47 -10.76 15.05
CA ILE A 233 -48.32 -10.88 16.50
C ILE A 233 -48.75 -9.61 17.22
N GLY A 234 -49.37 -8.68 16.49
CA GLY A 234 -49.86 -7.50 17.16
C GLY A 234 -48.76 -6.61 17.72
N ILE A 235 -49.15 -5.82 18.72
CA ILE A 235 -48.29 -4.76 19.24
C ILE A 235 -46.96 -5.31 19.75
N SER A 236 -46.91 -6.59 20.09
CA SER A 236 -45.67 -7.19 20.56
C SER A 236 -44.54 -6.97 19.56
N CYS A 237 -44.86 -6.99 18.27
CA CYS A 237 -43.84 -6.79 17.25
C CYS A 237 -43.04 -5.52 17.50
N LEU A 238 -43.73 -4.45 17.91
CA LEU A 238 -43.06 -3.18 18.15
C LEU A 238 -41.86 -3.36 19.07
N ALA A 239 -42.04 -4.14 20.14
CA ALA A 239 -40.95 -4.35 21.09
C ALA A 239 -39.70 -4.83 20.37
N GLY A 240 -39.83 -5.87 19.55
CA GLY A 240 -38.68 -6.34 18.81
C GLY A 240 -38.09 -5.25 17.94
N MET A 241 -38.96 -4.56 17.19
CA MET A 241 -38.50 -3.46 16.36
C MET A 241 -37.73 -2.45 17.18
N ALA A 242 -38.21 -2.18 18.40
CA ALA A 242 -37.53 -1.21 19.26
C ALA A 242 -36.08 -1.58 19.44
N VAL A 243 -35.81 -2.84 19.77
CA VAL A 243 -34.42 -3.26 19.96
C VAL A 243 -33.62 -2.98 18.69
N LEU A 244 -34.20 -3.33 17.54
CA LEU A 244 -33.51 -3.07 16.28
C LEU A 244 -33.17 -1.60 16.15
N ILE A 245 -34.14 -0.72 16.44
CA ILE A 245 -33.86 0.71 16.36
C ILE A 245 -32.76 1.06 17.35
N ILE A 246 -32.84 0.53 18.57
CA ILE A 246 -31.81 0.82 19.57
C ILE A 246 -30.45 0.36 19.08
N LEU A 247 -30.43 -0.65 18.21
CA LEU A 247 -29.16 -1.18 17.73
C LEU A 247 -28.46 -0.23 16.76
N LEU A 248 -29.16 0.76 16.22
CA LEU A 248 -28.53 1.63 15.24
C LEU A 248 -27.62 2.68 15.90
N PRO A 249 -28.12 3.52 16.84
CA PRO A 249 -27.23 4.53 17.41
C PRO A 249 -26.10 3.92 18.21
N LEU A 250 -26.45 3.04 19.16
CA LEU A 250 -25.48 2.53 20.12
C LEU A 250 -24.26 1.95 19.40
N GLN A 251 -24.51 1.03 18.46
CA GLN A 251 -23.40 0.47 17.70
C GLN A 251 -22.58 1.57 17.04
N SER A 252 -23.25 2.47 16.32
CA SER A 252 -22.56 3.59 15.71
C SER A 252 -21.79 4.37 16.75
N CYS A 253 -22.42 4.63 17.89
CA CYS A 253 -21.71 5.33 18.97
C CYS A 253 -20.45 4.59 19.35
N PHE A 254 -20.55 3.28 19.57
CA PHE A 254 -19.36 2.51 19.90
C PHE A 254 -18.33 2.60 18.78
N GLY A 255 -18.81 2.61 17.54
CA GLY A 255 -17.88 2.76 16.42
C GLY A 255 -17.03 3.99 16.56
N LYS A 256 -17.63 5.11 16.95
CA LYS A 256 -16.86 6.32 17.19
C LYS A 256 -15.73 6.04 18.17
N LEU A 257 -16.06 5.46 19.32
CA LEU A 257 -15.04 5.11 20.30
C LEU A 257 -13.95 4.26 19.65
N PHE A 258 -14.36 3.27 18.85
CA PHE A 258 -13.40 2.43 18.15
C PHE A 258 -12.40 3.28 17.40
N SER A 259 -12.88 4.20 16.57
CA SER A 259 -11.98 5.05 15.79
C SER A 259 -10.99 5.74 16.69
N SER A 260 -11.47 6.31 17.80
CA SER A 260 -10.58 7.00 18.73
C SER A 260 -9.43 6.11 19.13
N LEU A 261 -9.75 4.89 19.58
CA LEU A 261 -8.69 3.99 20.01
C LEU A 261 -7.71 3.74 18.88
N ARG A 262 -8.23 3.49 17.68
CA ARG A 262 -7.35 3.26 16.54
C ARG A 262 -6.34 4.37 16.40
N SER A 263 -6.81 5.62 16.47
CA SER A 263 -5.91 6.75 16.31
C SER A 263 -4.73 6.63 17.26
N LYS A 264 -5.01 6.38 18.53
CA LYS A 264 -3.93 6.28 19.51
C LYS A 264 -2.94 5.21 19.09
N THR A 265 -3.44 4.01 18.77
CA THR A 265 -2.54 2.93 18.37
C THR A 265 -1.66 3.38 17.21
N ALA A 266 -2.26 4.07 16.24
CA ALA A 266 -1.51 4.50 15.08
C ALA A 266 -0.25 5.23 15.50
N THR A 267 -0.38 6.21 16.41
CA THR A 267 0.79 6.97 16.83
C THR A 267 1.87 6.04 17.31
N PHE A 268 1.54 5.15 18.25
CA PHE A 268 2.53 4.23 18.78
C PHE A 268 3.14 3.41 17.66
N THR A 269 2.28 2.84 16.79
CA THR A 269 2.79 2.06 15.67
C THR A 269 3.79 2.88 14.88
N ASP A 270 3.41 4.11 14.52
CA ASP A 270 4.32 4.94 13.73
C ASP A 270 5.65 5.07 14.43
N ALA A 271 5.63 5.42 15.71
CA ALA A 271 6.89 5.55 16.45
C ALA A 271 7.69 4.27 16.35
N ARG A 272 7.05 3.13 16.64
CA ARG A 272 7.75 1.86 16.57
C ARG A 272 8.36 1.67 15.19
N ILE A 273 7.56 1.91 14.15
CA ILE A 273 8.06 1.69 12.79
C ILE A 273 9.28 2.55 12.54
N ARG A 274 9.24 3.81 12.98
CA ARG A 274 10.39 4.68 12.81
C ARG A 274 11.64 4.04 13.39
N THR A 275 11.54 3.55 14.62
CA THR A 275 12.71 2.93 15.24
C THR A 275 13.15 1.70 14.46
N MET A 276 12.18 0.92 13.96
CA MET A 276 12.53 -0.18 13.06
C MET A 276 13.43 0.31 11.93
N ASN A 277 13.02 1.37 11.25
CA ASN A 277 13.88 1.94 10.22
C ASN A 277 15.22 2.32 10.83
N GLU A 278 15.17 3.07 11.94
CA GLU A 278 16.40 3.50 12.60
C GLU A 278 17.26 2.32 12.99
N VAL A 279 16.66 1.16 13.24
CA VAL A 279 17.45 -0.01 13.57
C VAL A 279 17.94 -0.70 12.30
N ILE A 280 17.06 -0.85 11.31
CA ILE A 280 17.43 -1.65 10.14
C ILE A 280 18.40 -0.87 9.25
N THR A 281 18.14 0.43 9.06
CA THR A 281 19.01 1.23 8.21
C THR A 281 20.41 1.33 8.79
N GLY A 282 20.53 1.52 10.10
CA GLY A 282 21.83 1.64 10.72
C GLY A 282 22.20 0.44 11.57
N ILE A 283 21.85 -0.75 11.09
CA ILE A 283 22.11 -1.96 11.87
C ILE A 283 23.61 -2.22 11.98
N ARG A 284 24.37 -1.89 10.94
CA ARG A 284 25.82 -2.07 11.01
C ARG A 284 26.40 -1.28 12.16
N ILE A 285 25.99 -0.02 12.30
CA ILE A 285 26.50 0.82 13.38
C ILE A 285 26.04 0.30 14.74
N ILE A 286 24.78 -0.12 14.84
CA ILE A 286 24.26 -0.59 16.12
C ILE A 286 25.04 -1.81 16.59
N LYS A 287 25.20 -2.80 15.71
CA LYS A 287 25.97 -3.99 16.08
C LYS A 287 27.43 -3.65 16.29
N MET A 288 27.92 -2.63 15.58
CA MET A 288 29.31 -2.22 15.70
C MET A 288 29.58 -1.61 17.07
N TYR A 289 28.60 -0.92 17.62
CA TYR A 289 28.72 -0.18 18.89
C TYR A 289 28.25 -0.98 20.09
N ALA A 290 27.70 -2.19 19.88
CA ALA A 290 27.11 -2.99 20.95
C ALA A 290 25.98 -2.25 21.64
N TRP A 291 25.08 -1.68 20.84
CA TRP A 291 23.94 -0.91 21.33
C TRP A 291 22.62 -1.63 21.12
N GLU A 292 22.64 -2.96 20.96
CA GLU A 292 21.40 -3.68 20.68
C GLU A 292 20.45 -3.66 21.87
N LYS A 293 20.99 -3.63 23.08
CA LYS A 293 20.14 -3.68 24.27
C LYS A 293 19.26 -2.44 24.39
N SER A 294 19.83 -1.26 24.09
CA SER A 294 19.09 -0.02 24.22
C SER A 294 17.89 0.01 23.28
N PHE A 295 18.14 -0.24 22.00
CA PHE A 295 17.04 -0.28 21.04
C PHE A 295 16.08 -1.42 21.34
N SER A 296 16.59 -2.52 21.88
CA SER A 296 15.71 -3.63 22.23
C SER A 296 14.70 -3.21 23.29
N ASN A 297 15.17 -2.56 24.36
CA ASN A 297 14.25 -2.17 25.42
C ASN A 297 13.33 -1.04 24.96
N LEU A 298 13.84 -0.13 24.13
CA LEU A 298 13.01 0.94 23.60
C LEU A 298 11.86 0.39 22.78
N ILE A 299 12.16 -0.54 21.87
CA ILE A 299 11.11 -1.14 21.06
C ILE A 299 10.20 -2.01 21.91
N THR A 300 10.74 -2.64 22.95
CA THR A 300 9.88 -3.40 23.85
C THR A 300 8.84 -2.50 24.51
N ASN A 301 9.26 -1.31 24.98
CA ASN A 301 8.31 -0.38 25.59
C ASN A 301 7.27 0.09 24.58
N LEU A 302 7.72 0.48 23.38
CA LEU A 302 6.78 0.96 22.37
C LEU A 302 5.79 -0.14 21.98
N ARG A 303 6.28 -1.37 21.81
CA ARG A 303 5.41 -2.48 21.46
C ARG A 303 4.45 -2.81 22.58
N LYS A 304 4.90 -2.69 23.83
CA LYS A 304 4.00 -2.95 24.96
C LYS A 304 2.85 -1.96 24.96
N LYS A 305 3.16 -0.67 24.78
CA LYS A 305 2.09 0.33 24.74
C LYS A 305 1.15 0.09 23.56
N GLU A 306 1.72 -0.19 22.38
CA GLU A 306 0.90 -0.42 21.20
C GLU A 306 0.02 -1.64 21.37
N ILE A 307 0.55 -2.69 22.00
CA ILE A 307 -0.22 -3.92 22.15
C ILE A 307 -1.28 -3.75 23.24
N SER A 308 -1.05 -2.89 24.22
CA SER A 308 -2.11 -2.59 25.18
C SER A 308 -3.28 -1.89 24.49
N LYS A 309 -2.97 -0.87 23.68
CA LYS A 309 -4.04 -0.19 22.95
C LYS A 309 -4.72 -1.14 21.97
N ILE A 310 -3.94 -2.01 21.32
CA ILE A 310 -4.50 -2.97 20.38
C ILE A 310 -5.42 -3.95 21.09
N LEU A 311 -5.03 -4.38 22.29
CA LEU A 311 -5.86 -5.28 23.07
C LEU A 311 -7.19 -4.62 23.44
N ARG A 312 -7.14 -3.36 23.85
CA ARG A 312 -8.39 -2.65 24.16
C ARG A 312 -9.28 -2.56 22.93
N SER A 313 -8.70 -2.18 21.79
CA SER A 313 -9.47 -2.07 20.55
C SER A 313 -10.05 -3.42 20.14
N SER A 314 -9.26 -4.49 20.29
CA SER A 314 -9.73 -5.81 19.91
C SER A 314 -10.85 -6.28 20.82
N CYS A 315 -10.77 -5.97 22.11
CA CYS A 315 -11.87 -6.30 23.02
C CYS A 315 -13.14 -5.58 22.60
N LEU A 316 -13.02 -4.30 22.25
CA LEU A 316 -14.21 -3.57 21.81
C LEU A 316 -14.79 -4.16 20.52
N ARG A 317 -13.92 -4.50 19.56
CA ARG A 317 -14.41 -5.06 18.30
C ARG A 317 -15.03 -6.43 18.50
N GLY A 318 -14.46 -7.24 19.39
CA GLY A 318 -15.05 -8.53 19.69
C GLY A 318 -16.40 -8.40 20.36
N MET A 319 -16.55 -7.43 21.26
CA MET A 319 -17.86 -7.17 21.83
C MET A 319 -18.86 -6.76 20.77
N ASN A 320 -18.44 -5.93 19.82
CA ASN A 320 -19.34 -5.54 18.73
C ASN A 320 -19.74 -6.74 17.89
N LEU A 321 -18.78 -7.62 17.58
CA LEU A 321 -19.10 -8.79 16.78
C LEU A 321 -20.06 -9.73 17.52
N ALA A 322 -19.84 -9.92 18.82
CA ALA A 322 -20.73 -10.76 19.60
C ALA A 322 -22.13 -10.16 19.65
N SER A 323 -22.22 -8.84 19.80
CA SER A 323 -23.54 -8.18 19.79
C SER A 323 -24.23 -8.38 18.44
N PHE A 324 -23.48 -8.25 17.35
CA PHE A 324 -24.08 -8.48 16.03
C PHE A 324 -24.55 -9.92 15.89
N PHE A 325 -23.83 -10.86 16.52
CA PHE A 325 -24.17 -12.27 16.40
C PHE A 325 -25.41 -12.62 17.22
N SER A 326 -25.56 -12.00 18.39
CA SER A 326 -26.66 -12.33 19.30
C SER A 326 -27.82 -11.34 19.25
N ALA A 327 -27.76 -10.35 18.36
CA ALA A 327 -28.84 -9.38 18.26
C ALA A 327 -30.15 -10.05 17.88
N SER A 328 -30.11 -11.02 16.98
CA SER A 328 -31.34 -11.71 16.59
C SER A 328 -31.98 -12.40 17.77
N LYS A 329 -31.17 -13.08 18.59
CA LYS A 329 -31.71 -13.75 19.76
C LYS A 329 -32.32 -12.75 20.73
N ILE A 330 -31.64 -11.62 20.95
CA ILE A 330 -32.19 -10.63 21.86
C ILE A 330 -33.52 -10.10 21.34
N ILE A 331 -33.59 -9.80 20.04
CA ILE A 331 -34.82 -9.25 19.45
C ILE A 331 -35.96 -10.25 19.61
N VAL A 332 -35.72 -11.50 19.24
CA VAL A 332 -36.79 -12.49 19.28
C VAL A 332 -37.22 -12.73 20.72
N PHE A 333 -36.27 -12.80 21.66
CA PHE A 333 -36.63 -13.01 23.05
C PHE A 333 -37.49 -11.87 23.57
N VAL A 334 -37.11 -10.63 23.28
CA VAL A 334 -37.90 -9.50 23.77
C VAL A 334 -39.30 -9.52 23.20
N THR A 335 -39.41 -9.69 21.88
CA THR A 335 -40.72 -9.62 21.25
C THR A 335 -41.62 -10.76 21.72
N PHE A 336 -41.08 -11.95 21.91
CA PHE A 336 -41.97 -13.05 22.28
C PHE A 336 -42.23 -13.13 23.78
N THR A 337 -41.32 -12.62 24.63
CA THR A 337 -41.69 -12.42 26.02
C THR A 337 -42.83 -11.43 26.14
N THR A 338 -42.77 -10.34 25.37
CA THR A 338 -43.89 -9.41 25.33
C THR A 338 -45.15 -10.09 24.81
N TYR A 339 -45.01 -10.92 23.79
CA TYR A 339 -46.15 -11.61 23.19
C TYR A 339 -46.85 -12.50 24.20
N VAL A 340 -46.10 -13.37 24.87
CA VAL A 340 -46.72 -14.31 25.80
C VAL A 340 -47.22 -13.59 27.05
N LEU A 341 -46.45 -12.64 27.57
CA LEU A 341 -46.87 -11.93 28.77
C LEU A 341 -48.12 -11.11 28.55
N LEU A 342 -48.46 -10.79 27.30
CA LEU A 342 -49.66 -10.02 26.99
C LEU A 342 -50.91 -10.88 26.97
N GLY A 343 -50.80 -12.18 27.20
CA GLY A 343 -51.94 -13.06 27.22
C GLY A 343 -52.14 -13.90 25.99
N SER A 344 -51.21 -13.88 25.04
CA SER A 344 -51.34 -14.66 23.82
C SER A 344 -50.74 -16.05 24.01
N VAL A 345 -51.02 -16.91 23.04
CA VAL A 345 -50.57 -18.29 23.04
C VAL A 345 -49.72 -18.51 21.79
N ILE A 346 -48.51 -19.02 21.96
CA ILE A 346 -47.58 -19.11 20.85
C ILE A 346 -47.93 -20.31 19.98
N THR A 347 -47.71 -20.16 18.68
CA THR A 347 -47.86 -21.23 17.72
C THR A 347 -46.64 -21.21 16.80
N ALA A 348 -46.33 -22.37 16.22
CA ALA A 348 -45.11 -22.50 15.42
C ALA A 348 -45.13 -21.59 14.21
N SER A 349 -46.28 -21.49 13.53
CA SER A 349 -46.36 -20.69 12.32
C SER A 349 -46.04 -19.22 12.59
N ARG A 350 -46.73 -18.62 13.57
CA ARG A 350 -46.49 -17.23 13.88
C ARG A 350 -45.08 -17.02 14.41
N VAL A 351 -44.62 -17.93 15.26
CA VAL A 351 -43.30 -17.77 15.86
C VAL A 351 -42.22 -17.73 14.78
N PHE A 352 -42.28 -18.66 13.83
CA PHE A 352 -41.21 -18.71 12.85
C PHE A 352 -41.38 -17.71 11.71
N VAL A 353 -42.62 -17.30 11.40
CA VAL A 353 -42.79 -16.15 10.51
C VAL A 353 -42.15 -14.92 11.12
N ALA A 354 -42.40 -14.67 12.40
CA ALA A 354 -41.79 -13.53 13.07
C ALA A 354 -40.28 -13.66 13.11
N VAL A 355 -39.77 -14.86 13.35
CA VAL A 355 -38.32 -15.06 13.41
C VAL A 355 -37.69 -14.73 12.06
N THR A 356 -38.27 -15.24 10.97
CA THR A 356 -37.70 -14.98 9.66
C THR A 356 -37.79 -13.52 9.27
N LEU A 357 -38.94 -12.88 9.54
CA LEU A 357 -39.08 -11.47 9.21
C LEU A 357 -38.10 -10.62 10.01
N TYR A 358 -37.93 -10.94 11.29
CA TYR A 358 -36.97 -10.22 12.11
C TYR A 358 -35.56 -10.42 11.58
N GLY A 359 -35.22 -11.63 11.17
CA GLY A 359 -33.89 -11.87 10.61
C GLY A 359 -33.64 -11.02 9.38
N ALA A 360 -34.60 -11.02 8.45
CA ALA A 360 -34.42 -10.25 7.22
C ALA A 360 -34.30 -8.76 7.51
N VAL A 361 -35.22 -8.21 8.30
CA VAL A 361 -35.22 -6.77 8.55
C VAL A 361 -34.02 -6.38 9.40
N ARG A 362 -33.57 -7.23 10.31
CA ARG A 362 -32.38 -6.91 11.10
C ARG A 362 -31.14 -6.90 10.23
N LEU A 363 -31.00 -7.90 9.36
CA LEU A 363 -29.86 -7.91 8.46
C LEU A 363 -29.84 -6.63 7.63
N THR A 364 -31.00 -6.26 7.06
CA THR A 364 -31.08 -5.02 6.30
C THR A 364 -30.65 -3.83 7.15
N VAL A 365 -31.38 -3.57 8.24
CA VAL A 365 -31.21 -2.33 9.01
C VAL A 365 -29.81 -2.22 9.60
N THR A 366 -29.21 -3.33 10.03
CA THR A 366 -27.92 -3.26 10.70
C THR A 366 -26.74 -3.52 9.77
N LEU A 367 -26.95 -3.89 8.51
CA LEU A 367 -25.82 -4.07 7.61
C LEU A 367 -25.88 -3.17 6.40
N PHE A 368 -26.99 -3.14 5.68
CA PHE A 368 -27.05 -2.44 4.40
C PHE A 368 -27.27 -0.94 4.58
N PHE A 369 -28.24 -0.56 5.40
CA PHE A 369 -28.56 0.86 5.54
C PHE A 369 -27.41 1.67 6.12
N PRO A 370 -26.77 1.29 7.23
CA PRO A 370 -25.63 2.10 7.71
C PRO A 370 -24.47 2.10 6.73
N SER A 371 -24.23 0.97 6.07
CA SER A 371 -23.20 0.93 5.04
C SER A 371 -23.57 1.86 3.89
N ALA A 372 -24.84 1.87 3.50
CA ALA A 372 -25.25 2.79 2.43
C ALA A 372 -25.01 4.23 2.84
N ILE A 373 -25.35 4.59 4.08
CA ILE A 373 -25.13 5.96 4.54
C ILE A 373 -23.65 6.31 4.52
N GLU A 374 -22.81 5.40 5.03
CA GLU A 374 -21.38 5.67 5.11
C GLU A 374 -20.76 5.83 3.72
N ARG A 375 -21.08 4.90 2.81
CA ARG A 375 -20.53 4.98 1.47
C ARG A 375 -21.04 6.20 0.72
N VAL A 376 -22.30 6.58 0.93
CA VAL A 376 -22.81 7.76 0.26
C VAL A 376 -22.12 9.02 0.77
N SER A 377 -21.88 9.10 2.08
CA SER A 377 -21.16 10.25 2.61
C SER A 377 -19.73 10.30 2.08
N GLU A 378 -19.06 9.16 2.02
CA GLU A 378 -17.71 9.11 1.47
C GLU A 378 -17.70 9.54 0.00
N ALA A 379 -18.68 9.05 -0.77
CA ALA A 379 -18.75 9.44 -2.17
C ALA A 379 -19.06 10.92 -2.32
N ILE A 380 -19.86 11.48 -1.42
CA ILE A 380 -20.15 12.91 -1.49
C ILE A 380 -18.90 13.73 -1.24
N VAL A 381 -18.11 13.35 -0.23
CA VAL A 381 -16.87 14.10 0.01
C VAL A 381 -15.89 13.91 -1.15
N SER A 382 -15.88 12.72 -1.76
CA SER A 382 -15.04 12.50 -2.92
C SER A 382 -15.46 13.38 -4.08
N ILE A 383 -16.76 13.50 -4.31
CA ILE A 383 -17.27 14.35 -5.38
C ILE A 383 -16.92 15.81 -5.09
N ARG A 384 -16.98 16.21 -3.83
CA ARG A 384 -16.62 17.59 -3.48
C ARG A 384 -15.16 17.86 -3.80
N ARG A 385 -14.28 16.92 -3.44
CA ARG A 385 -12.85 17.12 -3.73
C ARG A 385 -12.61 17.15 -5.24
N ILE A 386 -13.21 16.23 -5.98
CA ILE A 386 -12.99 16.17 -7.41
C ILE A 386 -13.53 17.42 -8.09
N GLN A 387 -14.68 17.91 -7.62
CA GLN A 387 -15.26 19.12 -8.20
C GLN A 387 -14.38 20.33 -7.92
N THR A 388 -13.93 20.50 -6.68
CA THR A 388 -13.08 21.65 -6.40
C THR A 388 -11.72 21.53 -7.10
N PHE A 389 -11.33 20.32 -7.51
CA PHE A 389 -10.16 20.21 -8.38
C PHE A 389 -10.50 20.61 -9.80
N LEU A 390 -11.67 20.20 -10.29
CA LEU A 390 -12.02 20.42 -11.70
C LEU A 390 -12.27 21.88 -12.03
N LEU A 391 -12.58 22.71 -11.04
CA LEU A 391 -12.78 24.13 -11.26
C LEU A 391 -11.50 24.93 -11.11
N LEU A 392 -10.37 24.26 -10.88
CA LEU A 392 -9.08 24.94 -10.81
C LEU A 392 -8.82 25.69 -12.10
N ASP A 393 -8.29 26.90 -11.99
CA ASP A 393 -8.06 27.72 -13.16
C ASP A 393 -7.09 27.03 -14.11
N GLU A 394 -7.44 27.02 -15.39
CA GLU A 394 -6.68 26.32 -16.40
C GLU A 394 -5.80 27.28 -17.19
N ILE A 395 -4.81 26.72 -17.89
CA ILE A 395 -3.89 27.52 -18.68
C ILE A 395 -4.68 28.31 -19.70
N SER A 396 -4.28 29.57 -19.92
CA SER A 396 -4.91 30.40 -20.92
C SER A 396 -4.96 29.65 -22.25
N GLN A 397 -6.16 29.53 -22.80
CA GLN A 397 -6.37 28.70 -23.98
C GLN A 397 -5.52 29.21 -25.14
N ARG A 398 -4.81 28.29 -25.80
CA ARG A 398 -3.99 28.64 -26.94
C ARG A 398 -4.85 29.23 -28.04
N ASN A 399 -4.71 30.53 -28.27
CA ASN A 399 -5.49 31.20 -29.31
C ASN A 399 -4.99 30.79 -30.69
N ARG A 400 -5.86 30.92 -31.69
CA ARG A 400 -5.50 30.57 -33.04
C ARG A 400 -4.36 31.45 -33.53
N GLN A 401 -3.34 30.84 -34.13
CA GLN A 401 -2.18 31.57 -34.58
C GLN A 401 -2.54 32.53 -35.71
N LEU A 402 -1.91 33.69 -35.70
CA LEU A 402 -2.09 34.65 -36.77
C LEU A 402 -1.56 34.06 -38.09
N PRO A 403 -2.07 34.54 -39.24
CA PRO A 403 -1.72 33.93 -40.54
C PRO A 403 -0.26 33.51 -40.69
N SER A 404 0.67 34.41 -40.33
CA SER A 404 2.10 34.13 -40.40
C SER A 404 2.50 33.67 -41.81
N ASP A 405 2.36 34.60 -42.76
CA ASP A 405 2.57 34.30 -44.18
C ASP A 405 4.05 34.19 -44.50
N GLY A 406 4.70 33.22 -43.86
CA GLY A 406 6.10 32.95 -44.10
C GLY A 406 7.03 34.11 -43.82
N LYS A 407 6.75 34.86 -42.76
CA LYS A 407 7.59 35.99 -42.39
C LYS A 407 8.38 35.65 -41.13
N LYS A 408 9.33 36.52 -40.78
CA LYS A 408 10.15 36.36 -39.60
C LYS A 408 10.03 37.58 -38.69
N MET A 409 8.86 38.18 -38.66
CA MET A 409 8.60 39.38 -37.86
C MET A 409 8.49 38.97 -36.40
N VAL A 410 9.58 39.14 -35.64
CA VAL A 410 9.64 38.75 -34.24
C VAL A 410 10.18 39.95 -33.47
N HIS A 411 9.46 40.38 -32.44
CA HIS A 411 9.89 41.47 -31.58
C HIS A 411 9.14 41.38 -30.26
N VAL A 412 9.89 41.46 -29.16
CA VAL A 412 9.32 41.44 -27.82
C VAL A 412 9.50 42.82 -27.21
N GLN A 413 8.39 43.47 -26.86
CA GLN A 413 8.42 44.80 -26.26
C GLN A 413 7.54 44.80 -25.02
N ASP A 414 8.03 45.46 -23.96
CA ASP A 414 7.33 45.54 -22.67
C ASP A 414 6.94 44.14 -22.19
N PHE A 415 7.96 43.30 -22.02
CA PHE A 415 7.72 41.91 -21.63
C PHE A 415 7.30 41.86 -20.17
N THR A 416 6.06 41.45 -19.93
CA THR A 416 5.50 41.31 -18.59
C THR A 416 5.53 39.84 -18.21
N ALA A 417 6.52 39.44 -17.42
CA ALA A 417 6.71 38.05 -17.03
C ALA A 417 6.89 38.00 -15.52
N PHE A 418 5.92 37.40 -14.83
CA PHE A 418 5.94 37.28 -13.38
C PHE A 418 5.66 35.84 -13.00
N TRP A 419 6.58 35.22 -12.26
CA TRP A 419 6.35 33.88 -11.75
C TRP A 419 5.19 33.85 -10.77
N ASP A 420 5.18 34.79 -9.82
CA ASP A 420 4.13 34.91 -8.83
C ASP A 420 3.41 36.23 -9.04
N LYS A 421 2.15 36.16 -9.46
CA LYS A 421 1.37 37.39 -9.68
C LYS A 421 1.18 38.15 -8.37
N ALA A 422 0.94 37.43 -7.28
CA ALA A 422 0.74 38.08 -5.99
C ALA A 422 1.98 38.79 -5.49
N SER A 423 3.17 38.42 -5.98
CA SER A 423 4.39 39.08 -5.55
C SER A 423 4.43 40.51 -6.09
N GLU A 424 4.68 41.47 -5.20
CA GLU A 424 4.76 42.86 -5.62
C GLU A 424 6.05 43.13 -6.40
N THR A 425 7.10 42.37 -6.13
CA THR A 425 8.34 42.53 -6.88
C THR A 425 8.19 41.87 -8.25
N PRO A 426 8.49 42.59 -9.33
CA PRO A 426 8.41 41.97 -10.66
C PRO A 426 9.46 40.88 -10.79
N THR A 427 9.02 39.68 -11.19
CA THR A 427 9.95 38.60 -11.44
C THR A 427 10.92 38.97 -12.56
N LEU A 428 10.43 39.63 -13.59
CA LEU A 428 11.26 40.06 -14.70
C LEU A 428 10.65 41.29 -15.35
N GLN A 429 11.46 42.30 -15.62
CA GLN A 429 11.01 43.55 -16.21
C GLN A 429 11.59 43.81 -17.58
N GLY A 430 12.92 43.78 -17.72
CA GLY A 430 13.53 44.11 -18.99
C GLY A 430 13.97 42.91 -19.78
N LEU A 431 13.22 42.57 -20.82
CA LEU A 431 13.57 41.42 -21.66
C LEU A 431 13.01 41.73 -23.06
N SER A 432 13.90 42.10 -23.98
CA SER A 432 13.50 42.45 -25.33
C SER A 432 14.60 42.03 -26.29
N PHE A 433 14.37 40.96 -27.05
CA PHE A 433 15.29 40.56 -28.09
C PHE A 433 14.51 39.93 -29.23
N THR A 434 15.17 39.80 -30.38
CA THR A 434 14.61 39.18 -31.56
C THR A 434 15.48 38.00 -31.96
N VAL A 435 14.84 36.89 -32.34
CA VAL A 435 15.53 35.69 -32.78
C VAL A 435 15.47 35.59 -34.29
N ARG A 436 16.59 35.29 -34.90
CA ARG A 436 16.72 35.13 -36.34
C ARG A 436 16.76 33.65 -36.70
N PRO A 437 16.37 33.29 -37.93
CA PRO A 437 16.36 31.87 -38.31
C PRO A 437 17.76 31.29 -38.30
N GLY A 438 17.91 30.13 -37.66
CA GLY A 438 19.17 29.44 -37.58
C GLY A 438 20.17 30.02 -36.60
N GLU A 439 20.05 31.31 -36.26
CA GLU A 439 20.99 31.94 -35.36
C GLU A 439 20.84 31.38 -33.96
N LEU A 440 21.96 31.27 -33.25
CA LEU A 440 22.01 30.69 -31.91
C LEU A 440 22.15 31.82 -30.89
N LEU A 441 21.26 31.83 -29.91
CA LEU A 441 21.34 32.75 -28.79
C LEU A 441 21.69 31.95 -27.53
N ALA A 442 22.83 32.25 -26.94
CA ALA A 442 23.34 31.49 -25.80
C ALA A 442 22.88 32.17 -24.52
N VAL A 443 21.91 31.58 -23.85
CA VAL A 443 21.42 32.10 -22.57
C VAL A 443 22.21 31.44 -21.46
N VAL A 444 22.66 32.25 -20.49
CA VAL A 444 23.46 31.78 -19.37
C VAL A 444 22.85 32.27 -18.07
N GLY A 445 22.70 31.36 -17.11
CA GLY A 445 22.26 31.69 -15.77
C GLY A 445 22.58 30.59 -14.79
N PRO A 446 23.21 30.94 -13.67
CA PRO A 446 23.59 29.92 -12.69
C PRO A 446 22.38 29.30 -12.00
N VAL A 447 22.48 28.00 -11.71
CA VAL A 447 21.49 27.21 -11.00
C VAL A 447 20.05 27.61 -11.38
N GLY A 448 19.86 27.91 -12.66
CA GLY A 448 18.56 28.36 -13.13
C GLY A 448 18.19 29.77 -12.73
N ALA A 449 19.15 30.69 -12.81
CA ALA A 449 18.89 32.10 -12.49
C ALA A 449 18.18 32.80 -13.64
N GLY A 450 16.87 32.64 -13.72
CA GLY A 450 16.09 33.30 -14.75
C GLY A 450 16.02 32.60 -16.08
N LYS A 451 16.57 31.38 -16.19
CA LYS A 451 16.39 30.62 -17.43
C LYS A 451 14.93 30.27 -17.64
N SER A 452 14.17 30.13 -16.56
CA SER A 452 12.77 29.74 -16.68
C SER A 452 11.96 30.82 -17.39
N SER A 453 12.19 32.09 -17.02
CA SER A 453 11.47 33.18 -17.68
C SER A 453 11.90 33.30 -19.13
N LEU A 454 13.22 33.24 -19.39
CA LEU A 454 13.72 33.31 -20.75
C LEU A 454 13.16 32.18 -21.60
N LEU A 455 12.91 31.03 -20.98
CA LEU A 455 12.51 29.86 -21.74
C LEU A 455 11.01 29.84 -21.98
N SER A 456 10.22 30.20 -20.97
CA SER A 456 8.79 30.36 -21.15
C SER A 456 8.44 31.61 -21.94
N ALA A 457 9.41 32.47 -22.23
CA ALA A 457 9.20 33.63 -23.08
C ALA A 457 8.83 33.26 -24.52
N VAL A 458 8.66 31.98 -24.80
CA VAL A 458 8.19 31.52 -26.10
C VAL A 458 6.71 31.20 -25.95
N LEU A 459 6.07 31.87 -24.99
CA LEU A 459 4.64 31.75 -24.68
C LEU A 459 4.29 30.47 -23.95
N GLY A 460 5.25 29.89 -23.22
CA GLY A 460 4.96 28.67 -22.47
C GLY A 460 4.01 28.88 -21.31
N GLU A 461 4.47 29.55 -20.25
CA GLU A 461 3.64 29.74 -19.07
C GLU A 461 3.75 31.13 -18.47
N LEU A 462 4.55 32.03 -19.05
CA LEU A 462 4.71 33.38 -18.55
C LEU A 462 4.10 34.39 -19.51
N ALA A 463 2.95 34.02 -20.09
CA ALA A 463 2.36 34.85 -21.12
C ALA A 463 1.85 36.16 -20.53
N PRO A 464 1.93 37.26 -21.28
CA PRO A 464 1.32 38.51 -20.83
C PRO A 464 -0.19 38.42 -20.81
N SER A 465 -0.81 39.23 -19.94
CA SER A 465 -2.25 39.21 -19.79
C SER A 465 -2.95 39.66 -21.07
N HIS A 466 -2.45 40.71 -21.71
CA HIS A 466 -3.06 41.25 -22.91
C HIS A 466 -2.01 41.38 -24.01
N GLY A 467 -2.45 41.24 -25.25
CA GLY A 467 -1.56 41.28 -26.40
C GLY A 467 -1.07 39.91 -26.81
N LEU A 468 -0.27 39.90 -27.87
CA LEU A 468 0.24 38.65 -28.42
C LEU A 468 1.51 38.96 -29.20
N VAL A 469 2.52 38.11 -29.01
CA VAL A 469 3.81 38.24 -29.68
C VAL A 469 3.86 37.23 -30.82
N SER A 470 4.17 37.69 -32.02
CA SER A 470 4.09 36.88 -33.23
C SER A 470 5.26 35.89 -33.29
N VAL A 471 5.16 34.87 -32.44
CA VAL A 471 6.10 33.75 -32.50
C VAL A 471 5.54 32.73 -33.48
N HIS A 472 6.32 32.41 -34.51
CA HIS A 472 5.86 31.59 -35.62
C HIS A 472 6.68 30.31 -35.71
N GLY A 473 5.99 29.17 -35.87
CA GLY A 473 6.61 27.88 -36.06
C GLY A 473 6.13 26.89 -35.03
N ARG A 474 6.94 25.86 -34.81
CA ARG A 474 6.64 24.78 -33.87
C ARG A 474 7.68 24.77 -32.77
N ILE A 475 7.23 24.71 -31.52
CA ILE A 475 8.10 24.74 -30.36
C ILE A 475 8.55 23.32 -30.04
N ALA A 476 9.84 23.14 -29.77
CA ALA A 476 10.41 21.87 -29.35
C ALA A 476 11.15 22.11 -28.03
N TYR A 477 10.46 21.88 -26.91
CA TYR A 477 10.99 22.22 -25.60
C TYR A 477 11.59 20.98 -24.95
N VAL A 478 12.84 21.12 -24.49
CA VAL A 478 13.53 20.08 -23.73
C VAL A 478 13.79 20.63 -22.33
N SER A 479 13.28 19.94 -21.31
CA SER A 479 13.31 20.44 -19.95
C SER A 479 14.64 20.15 -19.26
N GLN A 480 14.83 20.78 -18.10
CA GLN A 480 15.90 20.41 -17.19
C GLN A 480 15.84 18.92 -16.87
N GLN A 481 14.68 18.44 -16.45
CA GLN A 481 14.54 17.03 -16.14
C GLN A 481 14.09 16.33 -17.41
N PRO A 482 14.92 15.47 -18.00
CA PRO A 482 14.46 14.67 -19.12
C PRO A 482 13.47 13.62 -18.65
N TRP A 483 12.44 13.38 -19.46
CA TRP A 483 11.33 12.56 -19.00
C TRP A 483 10.99 11.52 -20.05
N VAL A 484 10.71 10.31 -19.57
CA VAL A 484 10.33 9.18 -20.41
C VAL A 484 9.01 8.64 -19.91
N PHE A 485 7.99 8.67 -20.76
CA PHE A 485 6.70 8.12 -20.37
C PHE A 485 6.70 6.61 -20.57
N SER A 486 5.80 5.94 -19.84
CA SER A 486 5.75 4.49 -19.84
C SER A 486 5.41 3.97 -21.23
N GLY A 487 6.18 3.00 -21.70
CA GLY A 487 5.98 2.47 -23.03
C GLY A 487 7.27 1.86 -23.56
N THR A 488 7.46 2.00 -24.86
CA THR A 488 8.66 1.54 -25.55
C THR A 488 9.38 2.72 -26.18
N LEU A 489 10.68 2.54 -26.43
CA LEU A 489 11.46 3.57 -27.12
C LEU A 489 10.87 3.90 -28.48
N ARG A 490 10.13 2.97 -29.08
CA ARG A 490 9.36 3.27 -30.28
C ARG A 490 8.43 4.44 -30.04
N SER A 491 7.79 4.48 -28.86
CA SER A 491 6.80 5.52 -28.57
C SER A 491 7.47 6.88 -28.40
N ASN A 492 8.52 6.96 -27.57
CA ASN A 492 9.18 8.24 -27.35
C ASN A 492 9.85 8.74 -28.62
N ILE A 493 10.44 7.84 -29.40
CA ILE A 493 11.02 8.25 -30.67
C ILE A 493 9.93 8.78 -31.61
N LEU A 494 8.84 8.02 -31.77
CA LEU A 494 7.80 8.41 -32.71
C LEU A 494 7.02 9.61 -32.20
N PHE A 495 6.36 9.46 -31.05
CA PHE A 495 5.60 10.53 -30.41
C PHE A 495 4.63 11.17 -31.39
N GLY A 496 3.88 10.34 -32.09
CA GLY A 496 2.89 10.78 -33.04
C GLY A 496 3.39 10.96 -34.46
N LYS A 497 4.69 11.20 -34.63
CA LYS A 497 5.24 11.35 -35.97
C LYS A 497 5.29 10.00 -36.69
N LYS A 498 5.14 10.06 -38.01
CA LYS A 498 5.20 8.84 -38.81
C LYS A 498 6.58 8.22 -38.73
N TYR A 499 6.62 6.91 -38.89
CA TYR A 499 7.89 6.18 -38.80
C TYR A 499 8.76 6.54 -39.99
N GLU A 500 9.75 7.39 -39.76
CA GLU A 500 10.65 7.87 -40.81
C GLU A 500 11.89 7.00 -40.78
N LYS A 501 11.91 5.98 -41.65
CA LYS A 501 12.99 5.00 -41.63
C LYS A 501 14.35 5.66 -41.92
N GLU A 502 14.41 6.49 -42.96
CA GLU A 502 15.70 7.03 -43.39
C GLU A 502 16.29 7.99 -42.37
N ARG A 503 15.50 8.94 -41.88
CA ARG A 503 16.06 9.94 -40.97
C ARG A 503 16.27 9.37 -39.56
N TYR A 504 15.37 8.48 -39.12
CA TYR A 504 15.66 7.72 -37.90
C TYR A 504 17.00 7.01 -38.03
N GLU A 505 17.21 6.30 -39.13
CA GLU A 505 18.45 5.55 -39.28
C GLU A 505 19.65 6.50 -39.30
N LYS A 506 19.53 7.62 -40.01
CA LYS A 506 20.66 8.53 -40.12
C LYS A 506 21.01 9.17 -38.77
N VAL A 507 20.01 9.58 -37.99
CA VAL A 507 20.32 10.14 -36.68
C VAL A 507 20.85 9.04 -35.76
N ILE A 508 20.31 7.83 -35.89
CA ILE A 508 20.68 6.76 -34.97
C ILE A 508 22.10 6.29 -35.24
N LYS A 509 22.58 6.45 -36.48
CA LYS A 509 23.94 6.01 -36.79
C LYS A 509 24.96 7.14 -36.70
N ALA A 510 24.64 8.33 -37.24
CA ALA A 510 25.58 9.44 -37.16
C ALA A 510 25.65 9.98 -35.74
N CYS A 511 24.50 10.14 -35.08
CA CYS A 511 24.47 10.53 -33.67
C CYS A 511 25.03 9.44 -32.76
N ALA A 512 25.21 8.22 -33.28
CA ALA A 512 25.88 7.12 -32.59
C ALA A 512 25.15 6.74 -31.30
N LEU A 513 23.93 6.23 -31.47
CA LEU A 513 23.17 5.69 -30.35
C LEU A 513 23.42 4.21 -30.13
N LYS A 514 24.59 3.70 -30.57
CA LYS A 514 24.95 2.31 -30.35
C LYS A 514 25.12 1.99 -28.86
N LYS A 515 25.28 2.99 -28.00
CA LYS A 515 25.32 2.74 -26.57
C LYS A 515 24.04 2.09 -26.09
N ASP A 516 22.88 2.53 -26.59
CA ASP A 516 21.64 1.87 -26.21
C ASP A 516 21.62 0.43 -26.68
N LEU A 517 22.07 0.17 -27.92
CA LEU A 517 22.07 -1.20 -28.43
C LEU A 517 22.95 -2.10 -27.58
N GLN A 518 24.11 -1.61 -27.15
CA GLN A 518 25.02 -2.42 -26.35
C GLN A 518 24.49 -2.62 -24.94
N LEU A 519 24.02 -1.54 -24.31
CA LEU A 519 23.56 -1.62 -22.93
C LEU A 519 22.21 -2.32 -22.81
N LEU A 520 21.27 -1.99 -23.69
CA LEU A 520 19.96 -2.63 -23.65
C LEU A 520 20.04 -4.01 -24.28
N GLU A 521 19.39 -4.98 -23.63
CA GLU A 521 19.43 -6.35 -24.11
C GLU A 521 18.63 -6.56 -25.39
N ASP A 522 17.79 -5.60 -25.77
CA ASP A 522 16.92 -5.77 -26.93
C ASP A 522 17.13 -4.72 -28.02
N GLY A 523 17.39 -3.47 -27.66
CA GLY A 523 17.64 -2.43 -28.64
C GLY A 523 16.62 -1.31 -28.54
N ASP A 524 16.25 -0.77 -29.71
CA ASP A 524 15.27 0.30 -29.75
C ASP A 524 13.84 -0.19 -29.50
N LEU A 525 13.63 -1.50 -29.49
CA LEU A 525 12.35 -2.07 -29.11
C LEU A 525 12.28 -2.40 -27.63
N THR A 526 13.31 -2.04 -26.86
CA THR A 526 13.34 -2.37 -25.44
C THR A 526 12.15 -1.74 -24.74
N VAL A 527 11.39 -2.58 -24.04
CA VAL A 527 10.25 -2.08 -23.27
C VAL A 527 10.79 -1.34 -22.05
N ILE A 528 10.43 -0.06 -21.94
CA ILE A 528 10.88 0.74 -20.81
C ILE A 528 10.30 0.16 -19.52
N GLY A 529 11.16 -0.07 -18.54
CA GLY A 529 10.71 -0.51 -17.24
C GLY A 529 9.91 0.57 -16.54
N ASP A 530 9.42 0.24 -15.35
CA ASP A 530 8.66 1.19 -14.57
C ASP A 530 9.52 2.38 -14.19
N ARG A 531 9.06 3.58 -14.54
CA ARG A 531 9.77 4.84 -14.32
C ARG A 531 11.09 4.92 -15.07
N GLY A 532 11.27 4.07 -16.07
CA GLY A 532 12.49 4.12 -16.88
C GLY A 532 13.76 3.83 -16.10
N THR A 533 13.68 2.95 -15.10
CA THR A 533 14.87 2.61 -14.33
C THR A 533 15.89 1.86 -15.16
N THR A 534 15.45 1.16 -16.21
CA THR A 534 16.39 0.48 -17.10
C THR A 534 17.26 1.49 -17.85
N LEU A 535 16.68 2.64 -18.20
CA LEU A 535 17.41 3.70 -18.86
C LEU A 535 18.05 4.61 -17.81
N SER A 536 18.83 5.58 -18.27
CA SER A 536 19.50 6.54 -17.40
C SER A 536 19.26 7.94 -17.92
N GLY A 537 19.64 8.93 -17.10
CA GLY A 537 19.43 10.32 -17.48
C GLY A 537 20.11 10.69 -18.79
N GLY A 538 21.22 10.03 -19.11
CA GLY A 538 21.85 10.23 -20.41
C GLY A 538 20.93 9.82 -21.54
N GLN A 539 20.31 8.64 -21.41
CA GLN A 539 19.38 8.17 -22.44
C GLN A 539 18.16 9.07 -22.53
N LYS A 540 17.62 9.51 -21.39
CA LYS A 540 16.46 10.40 -21.43
C LYS A 540 16.79 11.73 -22.09
N ALA A 541 17.94 12.32 -21.77
CA ALA A 541 18.33 13.57 -22.41
C ALA A 541 18.57 13.36 -23.90
N ARG A 542 19.26 12.29 -24.27
CA ARG A 542 19.53 12.03 -25.68
C ARG A 542 18.24 11.80 -26.45
N VAL A 543 17.27 11.11 -25.83
CA VAL A 543 16.01 10.86 -26.52
C VAL A 543 15.17 12.12 -26.55
N ASN A 544 15.35 13.03 -25.59
CA ASN A 544 14.69 14.33 -25.68
C ASN A 544 15.20 15.10 -26.89
N LEU A 545 16.53 15.17 -27.04
CA LEU A 545 17.09 15.84 -28.21
C LEU A 545 16.72 15.13 -29.50
N ALA A 546 16.70 13.79 -29.47
CA ALA A 546 16.35 13.03 -30.67
C ALA A 546 14.89 13.23 -31.03
N ARG A 547 14.02 13.36 -30.03
CA ARG A 547 12.62 13.67 -30.29
C ARG A 547 12.47 15.06 -30.89
N ALA A 548 13.16 16.04 -30.31
CA ALA A 548 13.09 17.39 -30.83
C ALA A 548 13.58 17.45 -32.28
N VAL A 549 14.72 16.83 -32.56
CA VAL A 549 15.28 16.87 -33.91
C VAL A 549 14.43 16.04 -34.86
N TYR A 550 13.85 14.93 -34.38
CA TYR A 550 13.05 14.07 -35.24
C TYR A 550 11.76 14.75 -35.64
N GLN A 551 11.06 15.35 -34.66
CA GLN A 551 9.91 16.16 -35.01
C GLN A 551 10.30 17.44 -35.74
N ASP A 552 11.59 17.71 -35.88
CA ASP A 552 12.16 18.80 -36.69
C ASP A 552 11.31 20.06 -36.63
N ALA A 553 11.03 20.49 -35.40
CA ALA A 553 10.22 21.68 -35.17
C ALA A 553 10.97 22.92 -35.62
N ASP A 554 10.32 24.08 -35.47
CA ASP A 554 10.94 25.35 -35.85
C ASP A 554 11.66 26.00 -34.68
N ILE A 555 10.98 26.15 -33.55
CA ILE A 555 11.55 26.77 -32.36
C ILE A 555 12.06 25.66 -31.46
N TYR A 556 13.35 25.69 -31.14
CA TYR A 556 13.98 24.67 -30.33
C TYR A 556 14.33 25.25 -28.96
N LEU A 557 13.71 24.70 -27.93
CA LEU A 557 13.85 25.18 -26.56
C LEU A 557 14.61 24.11 -25.77
N LEU A 558 15.93 24.30 -25.66
CA LEU A 558 16.79 23.30 -25.03
C LEU A 558 17.24 23.82 -23.67
N ASP A 559 16.61 23.34 -22.60
CA ASP A 559 16.98 23.72 -21.24
C ASP A 559 18.16 22.86 -20.81
N ASP A 560 19.37 23.31 -21.16
CA ASP A 560 20.61 22.64 -20.78
C ASP A 560 20.56 21.13 -21.02
N PRO A 561 20.28 20.69 -22.25
CA PRO A 561 20.38 19.25 -22.54
C PRO A 561 21.81 18.80 -22.70
N LEU A 562 22.76 19.73 -22.82
CA LEU A 562 24.16 19.39 -22.96
C LEU A 562 24.84 19.11 -21.62
N SER A 563 24.12 19.25 -20.50
CA SER A 563 24.69 18.89 -19.21
C SER A 563 24.83 17.38 -19.08
N ALA A 564 23.81 16.63 -19.52
CA ALA A 564 23.86 15.18 -19.41
C ALA A 564 24.82 14.58 -20.44
N VAL A 565 24.77 15.06 -21.68
CA VAL A 565 25.66 14.57 -22.72
C VAL A 565 27.00 15.26 -22.59
N ASP A 566 28.02 14.67 -23.20
CA ASP A 566 29.36 15.23 -23.16
C ASP A 566 29.51 16.32 -24.22
N ALA A 567 30.68 16.95 -24.24
CA ALA A 567 30.93 18.01 -25.21
C ALA A 567 30.95 17.45 -26.64
N GLU A 568 31.41 16.21 -26.81
CA GLU A 568 31.48 15.64 -28.15
C GLU A 568 30.09 15.42 -28.75
N VAL A 569 29.20 14.77 -28.00
CA VAL A 569 27.84 14.54 -28.48
C VAL A 569 27.10 15.87 -28.64
N SER A 570 27.37 16.80 -27.74
CA SER A 570 26.78 18.14 -27.85
C SER A 570 27.17 18.84 -29.15
N ARG A 571 28.47 18.90 -29.46
CA ARG A 571 28.89 19.52 -30.71
C ARG A 571 28.42 18.71 -31.91
N HIS A 572 28.27 17.40 -31.72
CA HIS A 572 27.78 16.54 -32.78
C HIS A 572 26.35 16.90 -33.16
N LEU A 573 25.50 17.10 -32.15
CA LEU A 573 24.14 17.56 -32.44
C LEU A 573 24.12 19.03 -32.86
N PHE A 574 25.12 19.80 -32.44
CA PHE A 574 25.24 21.17 -32.93
C PHE A 574 25.43 21.19 -34.43
N GLU A 575 26.39 20.42 -34.94
CA GLU A 575 26.59 20.35 -36.38
C GLU A 575 25.42 19.70 -37.08
N LEU A 576 25.00 18.52 -36.59
CA LEU A 576 23.98 17.74 -37.30
C LEU A 576 22.60 18.37 -37.20
N CYS A 577 22.22 18.83 -36.00
CA CYS A 577 20.89 19.38 -35.80
C CYS A 577 20.90 20.91 -35.77
N ILE A 578 21.67 21.51 -34.86
CA ILE A 578 21.61 22.95 -34.68
C ILE A 578 22.17 23.68 -35.89
N CYS A 579 23.21 23.13 -36.53
CA CYS A 579 23.78 23.81 -37.68
C CYS A 579 23.07 23.43 -38.97
N GLN A 580 22.94 22.13 -39.24
CA GLN A 580 22.34 21.66 -40.48
C GLN A 580 20.82 21.64 -40.42
N ILE A 581 20.26 20.89 -39.48
CA ILE A 581 18.80 20.78 -39.40
C ILE A 581 18.20 22.10 -38.93
N LEU A 582 18.77 22.70 -37.89
CA LEU A 582 18.33 24.03 -37.45
C LEU A 582 19.11 25.12 -38.17
N HIS A 583 19.19 25.01 -39.49
CA HIS A 583 19.84 26.02 -40.32
C HIS A 583 18.98 27.25 -40.52
N GLU A 584 17.66 27.09 -40.60
CA GLU A 584 16.71 28.18 -40.69
C GLU A 584 15.58 27.98 -39.70
N LYS A 585 15.89 27.38 -38.55
CA LYS A 585 14.92 27.17 -37.48
C LYS A 585 15.37 27.94 -36.26
N ILE A 586 14.41 28.23 -35.39
CA ILE A 586 14.69 28.99 -34.17
C ILE A 586 15.41 28.09 -33.17
N THR A 587 16.49 28.60 -32.59
CA THR A 587 17.39 27.80 -31.77
C THR A 587 17.63 28.39 -30.39
N ILE A 588 16.58 28.74 -29.66
CA ILE A 588 16.75 29.32 -28.33
C ILE A 588 17.38 28.26 -27.43
N LEU A 589 18.67 28.44 -27.12
CA LEU A 589 19.46 27.42 -26.44
C LEU A 589 20.14 28.04 -25.24
N VAL A 590 19.66 27.72 -24.05
CA VAL A 590 20.35 28.08 -22.81
C VAL A 590 21.50 27.11 -22.60
N THR A 591 22.68 27.65 -22.28
CA THR A 591 23.87 26.82 -22.18
C THR A 591 24.73 27.28 -21.02
N HIS A 592 25.49 26.33 -20.49
CA HIS A 592 26.45 26.59 -19.41
C HIS A 592 27.70 25.78 -19.72
N GLN A 593 28.56 25.63 -18.72
CA GLN A 593 29.86 24.96 -18.79
C GLN A 593 30.86 25.74 -19.64
N LEU A 594 30.48 26.90 -20.17
CA LEU A 594 31.35 27.93 -20.75
C LEU A 594 32.00 27.55 -22.08
N GLN A 595 31.80 26.33 -22.59
CA GLN A 595 32.47 26.01 -23.85
C GLN A 595 31.55 26.22 -25.05
N TYR A 596 30.25 25.97 -24.91
CA TYR A 596 29.37 26.31 -26.02
C TYR A 596 29.06 27.79 -26.05
N LEU A 597 29.33 28.49 -24.95
CA LEU A 597 29.24 29.94 -24.95
C LEU A 597 30.17 30.54 -26.00
N LYS A 598 31.43 30.10 -26.00
CA LYS A 598 32.37 30.48 -27.04
C LYS A 598 32.17 29.72 -28.34
N ALA A 599 31.56 28.53 -28.29
CA ALA A 599 31.26 27.80 -29.51
C ALA A 599 30.05 28.36 -30.24
N ALA A 600 29.24 29.19 -29.59
CA ALA A 600 28.10 29.82 -30.23
C ALA A 600 28.52 31.16 -30.83
N SER A 601 27.58 31.77 -31.56
CA SER A 601 27.81 33.05 -32.22
C SER A 601 27.27 34.24 -31.45
N GLN A 602 26.09 34.11 -30.84
CA GLN A 602 25.45 35.20 -30.10
C GLN A 602 25.13 34.73 -28.70
N ILE A 603 25.38 35.59 -27.71
CA ILE A 603 25.21 35.25 -26.30
C ILE A 603 24.28 36.27 -25.67
N LEU A 604 23.35 35.80 -24.84
CA LEU A 604 22.43 36.65 -24.10
C LEU A 604 22.41 36.20 -22.64
N ILE A 605 22.80 37.09 -21.73
CA ILE A 605 22.78 36.83 -20.30
C ILE A 605 21.94 37.90 -19.63
N LEU A 606 21.12 37.48 -18.67
CA LEU A 606 20.24 38.39 -17.95
C LEU A 606 20.30 38.09 -16.46
N LYS A 607 20.03 39.11 -15.65
CA LYS A 607 20.03 38.98 -14.19
C LYS A 607 18.85 39.77 -13.63
N ASP A 608 17.77 39.07 -13.28
CA ASP A 608 16.62 39.64 -12.60
C ASP A 608 16.01 40.79 -13.41
N GLY A 609 15.55 40.46 -14.62
CA GLY A 609 14.94 41.44 -15.49
C GLY A 609 15.93 42.48 -15.99
N LYS A 610 17.22 42.23 -15.78
CA LYS A 610 18.28 43.13 -16.22
C LYS A 610 19.22 42.37 -17.15
N MET A 611 19.12 42.68 -18.44
CA MET A 611 19.98 42.13 -19.49
C MET A 611 21.44 42.41 -19.16
N VAL A 612 22.22 41.36 -18.97
CA VAL A 612 23.64 41.52 -18.62
C VAL A 612 24.43 41.99 -19.84
N GLN A 613 24.40 41.21 -20.92
CA GLN A 613 25.07 41.62 -22.14
C GLN A 613 24.44 40.91 -23.33
N LYS A 614 24.48 41.59 -24.48
CA LYS A 614 24.02 41.08 -25.77
C LYS A 614 25.15 41.19 -26.79
N GLY A 615 26.33 40.76 -26.38
CA GLY A 615 27.49 40.81 -27.23
C GLY A 615 28.17 39.47 -27.32
N THR A 616 28.94 39.29 -28.40
CA THR A 616 29.67 38.05 -28.63
C THR A 616 30.91 38.03 -27.76
N TYR A 617 31.85 37.14 -28.07
CA TYR A 617 33.05 37.00 -27.25
C TYR A 617 33.95 38.23 -27.32
N THR A 618 33.70 39.15 -28.25
CA THR A 618 34.50 40.35 -28.39
C THR A 618 34.33 41.32 -27.23
N GLU A 619 33.35 41.11 -26.36
CA GLU A 619 33.08 42.03 -25.26
C GLU A 619 33.98 41.78 -24.05
N PHE A 620 34.86 40.78 -24.10
CA PHE A 620 35.79 40.48 -23.03
C PHE A 620 35.08 40.25 -21.70
N LEU A 621 34.00 39.47 -21.73
CA LEU A 621 33.26 39.17 -20.52
C LEU A 621 34.03 38.19 -19.63
N LYS A 622 34.62 37.16 -20.24
CA LYS A 622 35.39 36.15 -19.52
C LYS A 622 34.59 35.53 -18.38
N SER A 623 33.33 35.21 -18.69
CA SER A 623 32.44 34.58 -17.71
C SER A 623 31.32 33.83 -18.42
N GLU A 693 -1.32 -16.18 -2.93
CA GLU A 693 -0.15 -16.74 -3.61
C GLU A 693 -0.28 -18.25 -3.71
N GLY A 694 0.62 -18.97 -3.05
CA GLY A 694 0.58 -20.41 -2.98
C GLY A 694 -0.29 -20.89 -1.84
N LYS A 695 -0.14 -22.17 -1.53
CA LYS A 695 -0.86 -22.78 -0.42
C LYS A 695 -0.10 -22.59 0.88
N VAL A 696 -0.84 -22.52 1.98
CA VAL A 696 -0.28 -22.44 3.33
C VAL A 696 -0.62 -23.74 4.03
N GLY A 697 0.41 -24.48 4.43
CA GLY A 697 0.20 -25.79 5.01
C GLY A 697 -0.40 -25.72 6.40
N PHE A 698 -0.71 -26.90 6.92
CA PHE A 698 -1.20 -26.99 8.30
C PHE A 698 -0.14 -26.52 9.29
N GLN A 699 1.14 -26.58 8.89
CA GLN A 699 2.20 -26.12 9.77
C GLN A 699 2.08 -24.64 10.07
N ALA A 700 1.71 -23.84 9.07
CA ALA A 700 1.57 -22.41 9.29
C ALA A 700 0.48 -22.10 10.31
N TYR A 701 -0.69 -22.72 10.16
CA TYR A 701 -1.77 -22.51 11.12
C TYR A 701 -1.39 -23.02 12.50
N LYS A 702 -0.76 -24.19 12.57
CA LYS A 702 -0.37 -24.74 13.86
C LYS A 702 0.61 -23.82 14.57
N ASN A 703 1.62 -23.32 13.85
CA ASN A 703 2.60 -22.45 14.48
C ASN A 703 2.00 -21.10 14.84
N TYR A 704 1.03 -20.62 14.05
CA TYR A 704 0.33 -19.39 14.39
C TYR A 704 -0.47 -19.56 15.68
N PHE A 705 -1.08 -20.72 15.88
CA PHE A 705 -1.95 -20.91 17.03
C PHE A 705 -1.17 -21.22 18.30
N ARG A 706 -0.21 -22.16 18.21
CA ARG A 706 0.55 -22.52 19.42
C ARG A 706 1.34 -21.35 19.97
N ALA A 707 1.60 -20.32 19.17
CA ALA A 707 2.21 -19.11 19.70
C ALA A 707 1.26 -18.30 20.55
N GLY A 708 -0.03 -18.60 20.51
CA GLY A 708 -1.02 -17.84 21.26
C GLY A 708 -1.21 -18.32 22.68
N ALA A 709 -1.52 -19.60 22.86
CA ALA A 709 -1.78 -20.12 24.19
C ALA A 709 -1.57 -21.64 24.18
N HIS A 710 -1.56 -22.21 25.38
CA HIS A 710 -1.45 -23.66 25.53
C HIS A 710 -2.62 -24.35 24.84
N TRP A 711 -2.38 -25.56 24.36
CA TRP A 711 -3.43 -26.29 23.65
C TRP A 711 -4.62 -26.61 24.55
N ILE A 712 -4.44 -26.59 25.86
CA ILE A 712 -5.59 -26.66 26.77
C ILE A 712 -6.51 -25.46 26.54
N VAL A 713 -5.92 -24.28 26.36
CA VAL A 713 -6.73 -23.09 26.11
C VAL A 713 -7.48 -23.22 24.79
N PHE A 714 -6.86 -23.84 23.79
CA PHE A 714 -7.55 -24.03 22.52
C PHE A 714 -8.68 -25.05 22.63
N ILE A 715 -8.50 -26.10 23.44
CA ILE A 715 -9.60 -27.02 23.70
C ILE A 715 -10.75 -26.28 24.38
N PHE A 716 -10.42 -25.45 25.37
CA PHE A 716 -11.43 -24.64 26.03
C PHE A 716 -12.12 -23.72 25.04
N LEU A 717 -11.36 -23.19 24.08
CA LEU A 717 -11.93 -22.26 23.11
C LEU A 717 -12.89 -22.94 22.15
N ILE A 718 -12.52 -24.13 21.64
CA ILE A 718 -13.45 -24.82 20.76
C ILE A 718 -14.67 -25.27 21.54
N LEU A 719 -14.51 -25.64 22.81
CA LEU A 719 -15.66 -25.98 23.63
C LEU A 719 -16.58 -24.78 23.80
N LEU A 720 -16.01 -23.59 24.03
CA LEU A 720 -16.81 -22.38 24.18
C LEU A 720 -17.54 -22.03 22.88
N ASN A 721 -16.85 -22.18 21.75
CA ASN A 721 -17.48 -21.94 20.45
C ASN A 721 -18.65 -22.88 20.22
N THR A 722 -18.45 -24.17 20.49
CA THR A 722 -19.52 -25.15 20.33
C THR A 722 -20.68 -24.83 21.26
N ALA A 723 -20.39 -24.45 22.51
CA ALA A 723 -21.45 -24.11 23.44
C ALA A 723 -22.24 -22.89 22.97
N ALA A 724 -21.54 -21.88 22.44
CA ALA A 724 -22.23 -20.69 21.94
C ALA A 724 -23.18 -21.04 20.82
N GLN A 725 -22.71 -21.82 19.84
CA GLN A 725 -23.57 -22.17 18.72
C GLN A 725 -24.73 -23.06 19.16
N VAL A 726 -24.46 -24.00 20.07
CA VAL A 726 -25.51 -24.90 20.54
C VAL A 726 -26.58 -24.12 21.27
N ALA A 727 -26.19 -23.17 22.11
CA ALA A 727 -27.18 -22.34 22.80
C ALA A 727 -27.95 -21.48 21.81
N TYR A 728 -27.26 -20.95 20.79
CA TYR A 728 -27.94 -20.16 19.77
C TYR A 728 -29.05 -20.96 19.12
N VAL A 729 -28.75 -22.19 18.71
CA VAL A 729 -29.78 -22.99 18.03
C VAL A 729 -30.86 -23.42 19.02
N LEU A 730 -30.46 -23.82 20.24
CA LEU A 730 -31.42 -24.29 21.21
C LEU A 730 -32.38 -23.19 21.66
N GLN A 731 -31.98 -21.93 21.55
CA GLN A 731 -32.92 -20.86 21.87
C GLN A 731 -34.13 -20.89 20.95
N ASP A 732 -33.91 -21.14 19.65
CA ASP A 732 -35.03 -21.28 18.71
C ASP A 732 -35.72 -22.62 18.86
N TRP A 733 -34.95 -23.68 19.11
CA TRP A 733 -35.61 -24.97 19.33
C TRP A 733 -36.54 -24.91 20.52
N TRP A 734 -36.22 -24.11 21.53
CA TRP A 734 -37.11 -24.01 22.68
C TRP A 734 -38.44 -23.40 22.28
N LEU A 735 -38.42 -22.40 21.41
CA LEU A 735 -39.67 -21.86 20.90
C LEU A 735 -40.45 -22.91 20.12
N SER A 736 -39.75 -23.71 19.31
CA SER A 736 -40.43 -24.76 18.56
C SER A 736 -41.05 -25.80 19.49
N TYR A 737 -40.32 -26.20 20.52
CA TYR A 737 -40.82 -27.19 21.48
C TYR A 737 -41.97 -26.62 22.29
N TRP A 738 -41.89 -25.35 22.65
CA TRP A 738 -43.00 -24.67 23.32
C TRP A 738 -44.24 -24.65 22.45
N ALA A 739 -44.08 -24.35 21.17
CA ALA A 739 -45.22 -24.34 20.25
C ALA A 739 -45.84 -25.73 20.13
N ASN A 740 -45.00 -26.76 19.99
CA ASN A 740 -45.51 -28.12 19.90
C ASN A 740 -46.25 -28.52 21.17
N LYS A 741 -45.69 -28.17 22.32
CA LYS A 741 -46.33 -28.51 23.60
C LYS A 741 -47.65 -27.79 23.75
N GLN A 742 -47.71 -26.53 23.32
CA GLN A 742 -48.97 -25.79 23.37
C GLN A 742 -49.99 -26.38 22.41
N SER A 743 -49.57 -26.85 21.24
CA SER A 743 -50.50 -27.49 20.32
C SER A 743 -51.09 -28.76 20.94
N MET A 744 -50.23 -29.58 21.56
CA MET A 744 -50.74 -30.77 22.23
C MET A 744 -51.67 -30.40 23.38
N LEU A 745 -51.32 -29.35 24.13
CA LEU A 745 -52.17 -28.89 25.23
C LEU A 745 -53.53 -28.43 24.71
N ASN A 746 -53.55 -27.70 23.60
CA ASN A 746 -54.81 -27.28 23.01
C ASN A 746 -55.63 -28.47 22.56
N VAL A 747 -54.97 -29.48 21.98
CA VAL A 747 -55.68 -30.70 21.58
C VAL A 747 -56.31 -31.34 22.80
N THR A 748 -55.58 -31.41 23.91
CA THR A 748 -56.12 -32.00 25.13
C THR A 748 -57.30 -31.19 25.68
N VAL A 749 -57.19 -29.85 25.65
CA VAL A 749 -58.23 -29.04 26.28
C VAL A 749 -59.45 -28.84 25.39
N ASN A 750 -59.34 -29.11 24.08
CA ASN A 750 -60.49 -29.01 23.20
C ASN A 750 -61.08 -30.38 22.88
N GLY A 751 -60.28 -31.28 22.28
CA GLY A 751 -60.78 -32.61 21.99
C GLY A 751 -61.04 -33.44 23.23
N GLY A 752 -60.16 -33.33 24.22
CA GLY A 752 -60.27 -34.14 25.42
C GLY A 752 -60.98 -33.45 26.56
N GLY A 753 -60.25 -33.16 27.64
CA GLY A 753 -60.86 -32.56 28.81
C GLY A 753 -61.38 -31.16 28.54
N ASN A 754 -62.49 -30.83 29.20
CA ASN A 754 -63.10 -29.50 29.02
C ASN A 754 -62.25 -28.41 29.67
N VAL A 755 -61.61 -28.72 30.80
CA VAL A 755 -60.87 -27.71 31.54
C VAL A 755 -59.72 -27.20 30.69
N THR A 756 -59.71 -25.88 30.44
CA THR A 756 -58.67 -25.26 29.63
C THR A 756 -57.42 -25.12 30.50
N GLU A 757 -56.63 -26.18 30.53
CA GLU A 757 -55.36 -26.15 31.25
C GLU A 757 -54.44 -25.12 30.62
N LYS A 758 -53.73 -24.38 31.47
CA LYS A 758 -52.81 -23.34 31.02
C LYS A 758 -51.38 -23.84 31.14
N LEU A 759 -50.60 -23.64 30.09
CA LEU A 759 -49.19 -24.00 30.13
C LEU A 759 -48.48 -23.16 31.18
N ASP A 760 -47.68 -23.82 32.01
CA ASP A 760 -47.04 -23.13 33.13
C ASP A 760 -46.05 -22.12 32.61
N LEU A 761 -46.41 -20.83 32.67
CA LEU A 761 -45.61 -19.81 32.02
C LEU A 761 -44.25 -19.63 32.68
N ASN A 762 -44.18 -19.82 33.99
CA ASN A 762 -42.91 -19.61 34.70
C ASN A 762 -41.82 -20.51 34.16
N TRP A 763 -42.11 -21.80 34.02
CA TRP A 763 -41.10 -22.76 33.58
C TRP A 763 -40.59 -22.42 32.17
N TYR A 764 -41.51 -22.26 31.22
CA TYR A 764 -41.11 -22.06 29.83
C TYR A 764 -40.42 -20.72 29.65
N LEU A 765 -40.97 -19.66 30.26
CA LEU A 765 -40.34 -18.35 30.12
C LEU A 765 -38.97 -18.33 30.78
N GLY A 766 -38.83 -18.98 31.94
CA GLY A 766 -37.53 -19.02 32.59
C GLY A 766 -36.50 -19.76 31.76
N ILE A 767 -36.88 -20.90 31.17
CA ILE A 767 -35.92 -21.63 30.36
C ILE A 767 -35.57 -20.85 29.10
N TYR A 768 -36.56 -20.16 28.52
CA TYR A 768 -36.28 -19.33 27.35
C TYR A 768 -35.32 -18.21 27.67
N SER A 769 -35.55 -17.51 28.79
CA SER A 769 -34.65 -16.44 29.19
C SER A 769 -33.26 -16.97 29.50
N GLY A 770 -33.18 -18.14 30.14
CA GLY A 770 -31.89 -18.74 30.40
C GLY A 770 -31.14 -19.08 29.13
N LEU A 771 -31.85 -19.61 28.14
CA LEU A 771 -31.19 -19.96 26.89
C LEU A 771 -30.68 -18.72 26.16
N THR A 772 -31.48 -17.65 26.12
CA THR A 772 -31.00 -16.46 25.41
C THR A 772 -29.86 -15.77 26.18
N VAL A 773 -29.93 -15.77 27.51
CA VAL A 773 -28.84 -15.21 28.30
C VAL A 773 -27.56 -16.01 28.09
N ALA A 774 -27.68 -17.34 28.08
CA ALA A 774 -26.51 -18.18 27.82
C ALA A 774 -25.94 -17.93 26.44
N THR A 775 -26.81 -17.75 25.45
CA THR A 775 -26.31 -17.44 24.10
C THR A 775 -25.53 -16.13 24.10
N VAL A 776 -26.06 -15.09 24.74
CA VAL A 776 -25.37 -13.81 24.80
C VAL A 776 -24.02 -13.96 25.48
N LEU A 777 -24.01 -14.60 26.66
CA LEU A 777 -22.78 -14.72 27.42
C LEU A 777 -21.73 -15.55 26.68
N PHE A 778 -22.15 -16.65 26.06
CA PHE A 778 -21.20 -17.50 25.36
C PHE A 778 -20.65 -16.82 24.11
N GLY A 779 -21.50 -16.06 23.41
CA GLY A 779 -20.99 -15.31 22.27
C GLY A 779 -19.97 -14.28 22.68
N ILE A 780 -20.26 -13.53 23.76
CA ILE A 780 -19.32 -12.54 24.24
C ILE A 780 -18.01 -13.20 24.65
N ALA A 781 -18.10 -14.29 25.40
CA ALA A 781 -16.90 -14.96 25.90
C ALA A 781 -16.07 -15.52 24.76
N ARG A 782 -16.72 -16.14 23.76
CA ARG A 782 -15.98 -16.69 22.64
C ARG A 782 -15.29 -15.59 21.83
N SER A 783 -15.98 -14.47 21.61
CA SER A 783 -15.35 -13.38 20.87
C SER A 783 -14.14 -12.84 21.62
N LEU A 784 -14.32 -12.59 22.92
CA LEU A 784 -13.21 -12.06 23.71
C LEU A 784 -12.03 -13.03 23.74
N LEU A 785 -12.30 -14.33 23.91
CA LEU A 785 -11.21 -15.29 24.01
C LEU A 785 -10.49 -15.44 22.68
N VAL A 786 -11.23 -15.51 21.57
CA VAL A 786 -10.58 -15.63 20.27
C VAL A 786 -9.70 -14.42 20.01
N PHE A 787 -10.23 -13.22 20.26
CA PHE A 787 -9.44 -12.02 20.02
C PHE A 787 -8.21 -11.99 20.92
N TYR A 788 -8.37 -12.34 22.19
CA TYR A 788 -7.23 -12.30 23.11
C TYR A 788 -6.16 -13.29 22.69
N VAL A 789 -6.55 -14.51 22.34
CA VAL A 789 -5.54 -15.51 22.02
C VAL A 789 -4.84 -15.16 20.72
N LEU A 790 -5.57 -14.61 19.74
CA LEU A 790 -4.92 -14.27 18.48
C LEU A 790 -4.01 -13.05 18.63
N VAL A 791 -4.42 -12.06 19.42
CA VAL A 791 -3.57 -10.91 19.64
C VAL A 791 -2.34 -11.30 20.44
N ASN A 792 -2.49 -12.20 21.41
CA ASN A 792 -1.33 -12.69 22.15
C ASN A 792 -0.39 -13.47 21.25
N SER A 793 -0.94 -14.24 20.31
CA SER A 793 -0.10 -14.92 19.33
C SER A 793 0.67 -13.92 18.49
N SER A 794 0.00 -12.85 18.06
CA SER A 794 0.70 -11.81 17.29
C SER A 794 1.81 -11.17 18.11
N GLN A 795 1.55 -10.89 19.38
CA GLN A 795 2.57 -10.26 20.22
C GLN A 795 3.76 -11.19 20.43
N THR A 796 3.50 -12.47 20.68
CA THR A 796 4.60 -13.42 20.84
C THR A 796 5.40 -13.56 19.57
N LEU A 797 4.72 -13.63 18.42
CA LEU A 797 5.42 -13.74 17.15
C LEU A 797 6.28 -12.52 16.88
N HIS A 798 5.75 -11.32 17.14
CA HIS A 798 6.56 -10.12 16.93
C HIS A 798 7.77 -10.10 17.85
N ASN A 799 7.58 -10.45 19.13
CA ASN A 799 8.71 -10.45 20.05
C ASN A 799 9.79 -11.42 19.57
N LYS A 800 9.38 -12.63 19.17
CA LYS A 800 10.34 -13.60 18.69
C LYS A 800 11.05 -13.12 17.43
N MET A 801 10.30 -12.52 16.51
CA MET A 801 10.89 -12.05 15.26
C MET A 801 11.89 -10.93 15.49
N PHE A 802 11.53 -9.96 16.32
CA PHE A 802 12.45 -8.86 16.61
C PHE A 802 13.68 -9.35 17.34
N GLU A 803 13.51 -10.26 18.30
CA GLU A 803 14.66 -10.80 19.01
C GLU A 803 15.58 -11.55 18.06
N SER A 804 15.01 -12.31 17.13
CA SER A 804 15.82 -13.03 16.16
C SER A 804 16.56 -12.09 15.23
N ILE A 805 15.90 -11.03 14.76
CA ILE A 805 16.52 -10.12 13.83
C ILE A 805 17.64 -9.32 14.50
N LEU A 806 17.45 -8.97 15.77
CA LEU A 806 18.49 -8.23 16.47
C LEU A 806 19.79 -9.01 16.55
N LYS A 807 19.72 -10.34 16.58
CA LYS A 807 20.90 -11.19 16.61
C LYS A 807 21.29 -11.70 15.23
N ALA A 808 20.62 -11.26 14.18
CA ALA A 808 20.96 -11.71 12.83
C ALA A 808 22.34 -11.18 12.44
N PRO A 809 23.14 -11.97 11.74
CA PRO A 809 24.43 -11.47 11.28
C PRO A 809 24.26 -10.42 10.21
N VAL A 810 25.33 -9.64 10.00
CA VAL A 810 25.28 -8.53 9.05
C VAL A 810 25.03 -9.03 7.63
N LEU A 811 25.38 -10.28 7.35
CA LEU A 811 25.15 -10.84 6.02
C LEU A 811 23.67 -10.80 5.66
N PHE A 812 22.80 -11.08 6.62
CA PHE A 812 21.36 -11.05 6.36
C PHE A 812 20.91 -9.66 5.96
N PHE A 813 21.41 -8.63 6.65
CA PHE A 813 21.01 -7.27 6.31
C PHE A 813 21.62 -6.84 4.98
N ASP A 814 22.80 -7.35 4.64
CA ASP A 814 23.40 -7.01 3.35
C ASP A 814 22.62 -7.63 2.20
N ARG A 815 22.23 -8.90 2.34
CA ARG A 815 21.50 -9.55 1.26
C ARG A 815 20.09 -9.00 1.11
N ASN A 816 19.36 -8.88 2.21
CA ASN A 816 17.98 -8.44 2.17
C ASN A 816 17.91 -6.92 2.15
N PRO A 817 17.15 -6.33 1.24
CA PRO A 817 17.01 -4.86 1.23
C PRO A 817 16.32 -4.37 2.48
N ILE A 818 16.64 -3.12 2.86
CA ILE A 818 16.03 -2.52 4.05
C ILE A 818 14.53 -2.44 3.89
N GLY A 819 14.06 -2.11 2.69
CA GLY A 819 12.63 -2.00 2.46
C GLY A 819 11.90 -3.30 2.71
N ARG A 820 12.51 -4.43 2.36
CA ARG A 820 11.87 -5.73 2.57
C ARG A 820 11.65 -6.01 4.04
N ILE A 821 12.69 -5.80 4.87
CA ILE A 821 12.57 -6.05 6.29
C ILE A 821 11.59 -5.08 6.94
N LEU A 822 11.65 -3.81 6.56
CA LEU A 822 10.70 -2.84 7.08
C LEU A 822 9.28 -3.21 6.72
N ASN A 823 9.07 -3.68 5.48
CA ASN A 823 7.74 -4.11 5.07
C ASN A 823 7.27 -5.31 5.88
N ARG A 824 8.16 -6.26 6.15
CA ARG A 824 7.78 -7.41 6.96
C ARG A 824 7.40 -6.98 8.37
N PHE A 825 8.11 -6.00 8.92
CA PHE A 825 7.80 -5.52 10.26
C PHE A 825 6.58 -4.62 10.32
N SER A 826 6.22 -3.97 9.21
CA SER A 826 5.08 -3.05 9.20
C SER A 826 3.80 -3.72 8.73
N LYS A 827 3.76 -4.18 7.47
CA LYS A 827 2.51 -4.65 6.89
C LYS A 827 2.06 -5.97 7.50
N ASP A 828 2.97 -6.93 7.63
CA ASP A 828 2.59 -8.23 8.17
C ASP A 828 2.16 -8.13 9.62
N ILE A 829 2.90 -7.36 10.42
CA ILE A 829 2.53 -7.20 11.83
C ILE A 829 1.22 -6.43 11.95
N GLY A 830 1.01 -5.42 11.10
CA GLY A 830 -0.27 -4.74 11.10
C GLY A 830 -1.42 -5.66 10.75
N HIS A 831 -1.19 -6.56 9.79
CA HIS A 831 -2.22 -7.54 9.46
C HIS A 831 -2.54 -8.41 10.68
N LEU A 832 -1.50 -9.00 11.28
CA LEU A 832 -1.68 -9.88 12.42
C LEU A 832 -2.30 -9.17 13.61
N ASP A 833 -2.13 -7.85 13.71
CA ASP A 833 -2.67 -7.11 14.84
C ASP A 833 -4.08 -6.60 14.61
N ASP A 834 -4.45 -6.31 13.36
CA ASP A 834 -5.72 -5.63 13.11
C ASP A 834 -6.65 -6.50 12.29
N LEU A 835 -6.22 -7.00 11.14
CA LEU A 835 -7.16 -7.63 10.22
C LEU A 835 -7.32 -9.12 10.48
N LEU A 836 -6.22 -9.83 10.69
CA LEU A 836 -6.29 -11.29 10.79
C LEU A 836 -7.13 -11.78 11.96
N PRO A 837 -6.99 -11.27 13.19
CA PRO A 837 -7.87 -11.75 14.26
C PRO A 837 -9.34 -11.49 13.99
N LEU A 838 -9.67 -10.31 13.49
CA LEU A 838 -11.07 -9.98 13.23
C LEU A 838 -11.64 -10.88 12.15
N THR A 839 -10.92 -11.05 11.04
CA THR A 839 -11.40 -11.88 9.96
C THR A 839 -11.50 -13.34 10.37
N PHE A 840 -10.54 -13.81 11.17
CA PHE A 840 -10.58 -15.18 11.64
C PHE A 840 -11.78 -15.42 12.55
N LEU A 841 -12.05 -14.48 13.46
CA LEU A 841 -13.21 -14.62 14.33
C LEU A 841 -14.50 -14.60 13.54
N ASP A 842 -14.61 -13.70 12.56
CA ASP A 842 -15.82 -13.64 11.74
C ASP A 842 -16.00 -14.92 10.94
N PHE A 843 -14.91 -15.47 10.39
CA PHE A 843 -15.01 -16.71 9.65
C PHE A 843 -15.45 -17.85 10.56
N ILE A 844 -14.88 -17.94 11.77
CA ILE A 844 -15.27 -18.99 12.69
C ILE A 844 -16.75 -18.87 13.04
N GLN A 845 -17.20 -17.64 13.33
CA GLN A 845 -18.59 -17.40 13.66
C GLN A 845 -19.51 -17.86 12.53
N THR A 846 -19.23 -17.43 11.31
CA THR A 846 -20.12 -17.74 10.20
C THR A 846 -20.08 -19.23 9.85
N LEU A 847 -18.90 -19.85 9.95
CA LEU A 847 -18.80 -21.28 9.69
C LEU A 847 -19.61 -22.06 10.72
N LEU A 848 -19.54 -21.67 11.99
CA LEU A 848 -20.33 -22.34 13.00
C LEU A 848 -21.82 -22.14 12.75
N GLN A 849 -22.21 -20.95 12.30
CA GLN A 849 -23.63 -20.73 11.99
C GLN A 849 -24.09 -21.61 10.84
N VAL A 850 -23.26 -21.75 9.80
CA VAL A 850 -23.61 -22.63 8.68
C VAL A 850 -23.73 -24.07 9.15
N VAL A 851 -22.79 -24.51 9.99
CA VAL A 851 -22.85 -25.86 10.53
C VAL A 851 -24.11 -26.03 11.36
N GLY A 852 -24.50 -25.01 12.10
CA GLY A 852 -25.72 -25.09 12.89
C GLY A 852 -26.95 -25.25 12.02
N VAL A 853 -27.04 -24.47 10.93
CA VAL A 853 -28.18 -24.58 10.03
C VAL A 853 -28.25 -25.98 9.43
N VAL A 854 -27.10 -26.47 8.94
CA VAL A 854 -27.06 -27.78 8.30
C VAL A 854 -27.43 -28.87 9.30
N SER A 855 -26.93 -28.76 10.54
CA SER A 855 -27.22 -29.77 11.55
C SER A 855 -28.68 -29.74 11.95
N VAL A 856 -29.28 -28.56 12.03
CA VAL A 856 -30.72 -28.49 12.32
C VAL A 856 -31.51 -29.20 11.22
N ALA A 857 -31.18 -28.90 9.96
CA ALA A 857 -31.89 -29.52 8.86
C ALA A 857 -31.72 -31.04 8.86
N VAL A 858 -30.51 -31.52 9.15
CA VAL A 858 -30.27 -32.95 9.18
C VAL A 858 -31.00 -33.59 10.36
N ALA A 859 -31.04 -32.89 11.49
CA ALA A 859 -31.72 -33.44 12.67
C ALA A 859 -33.21 -33.58 12.44
N VAL A 860 -33.84 -32.58 11.82
CA VAL A 860 -35.28 -32.66 11.57
C VAL A 860 -35.58 -33.75 10.56
N ILE A 861 -34.87 -33.77 9.44
CA ILE A 861 -35.02 -34.75 8.39
C ILE A 861 -33.69 -35.46 8.19
N PRO A 862 -33.51 -36.64 8.78
CA PRO A 862 -32.21 -37.33 8.65
C PRO A 862 -31.84 -37.65 7.21
N TRP A 863 -32.83 -37.93 6.36
CA TRP A 863 -32.54 -38.32 4.99
C TRP A 863 -31.86 -37.20 4.21
N ILE A 864 -31.90 -35.97 4.71
CA ILE A 864 -31.20 -34.87 4.06
C ILE A 864 -29.71 -35.13 4.02
N ALA A 865 -29.22 -36.00 4.90
CA ALA A 865 -27.81 -36.39 4.83
C ALA A 865 -27.46 -37.02 3.49
N ILE A 866 -28.40 -37.72 2.87
CA ILE A 866 -28.10 -38.42 1.62
C ILE A 866 -27.76 -37.45 0.49
N PRO A 867 -28.57 -36.42 0.20
CA PRO A 867 -28.18 -35.48 -0.85
C PRO A 867 -27.14 -34.46 -0.43
N LEU A 868 -26.85 -34.34 0.86
CA LEU A 868 -25.88 -33.35 1.31
C LEU A 868 -24.45 -33.77 0.98
N VAL A 869 -24.18 -35.08 0.98
CA VAL A 869 -22.83 -35.55 0.65
C VAL A 869 -22.43 -35.17 -0.76
N PRO A 870 -23.26 -35.38 -1.80
CA PRO A 870 -22.86 -34.90 -3.13
C PRO A 870 -22.69 -33.38 -3.18
N LEU A 871 -23.71 -32.64 -2.75
CA LEU A 871 -23.68 -31.18 -2.88
C LEU A 871 -22.41 -30.60 -2.29
N GLY A 872 -22.11 -30.94 -1.04
CA GLY A 872 -20.89 -30.44 -0.41
C GLY A 872 -19.66 -30.78 -1.21
N ILE A 873 -19.58 -32.03 -1.68
CA ILE A 873 -18.44 -32.44 -2.49
C ILE A 873 -18.31 -31.52 -3.69
N ILE A 874 -19.43 -31.28 -4.39
CA ILE A 874 -19.41 -30.41 -5.55
C ILE A 874 -18.83 -29.06 -5.15
N PHE A 875 -19.33 -28.51 -4.05
CA PHE A 875 -18.87 -27.20 -3.60
C PHE A 875 -17.36 -27.18 -3.51
N ILE A 876 -16.79 -28.20 -2.86
CA ILE A 876 -15.33 -28.22 -2.67
C ILE A 876 -14.65 -28.10 -4.03
N PHE A 877 -15.04 -28.96 -4.97
CA PHE A 877 -14.43 -28.90 -6.29
C PHE A 877 -14.64 -27.53 -6.92
N LEU A 878 -15.88 -27.03 -6.85
CA LEU A 878 -16.18 -25.73 -7.39
C LEU A 878 -15.22 -24.69 -6.83
N ARG A 879 -15.03 -24.72 -5.52
CA ARG A 879 -14.15 -23.75 -4.88
C ARG A 879 -12.79 -23.76 -5.54
N ARG A 880 -12.19 -24.94 -5.68
CA ARG A 880 -10.89 -25.03 -6.32
C ARG A 880 -10.96 -24.45 -7.72
N TYR A 881 -11.93 -24.89 -8.50
CA TYR A 881 -12.04 -24.47 -9.89
C TYR A 881 -12.21 -22.96 -10.00
N PHE A 882 -12.69 -22.33 -8.94
CA PHE A 882 -12.80 -20.88 -8.98
C PHE A 882 -11.49 -20.23 -8.58
N LEU A 883 -10.89 -20.70 -7.48
CA LEU A 883 -9.73 -20.02 -6.92
C LEU A 883 -8.57 -20.03 -7.92
N GLU A 884 -8.36 -21.17 -8.58
CA GLU A 884 -7.28 -21.29 -9.55
C GLU A 884 -7.32 -20.16 -10.58
N THR A 885 -8.49 -19.61 -10.84
CA THR A 885 -8.58 -18.45 -11.72
C THR A 885 -8.66 -17.15 -10.93
N SER A 886 -9.44 -17.13 -9.86
CA SER A 886 -9.75 -15.87 -9.19
C SER A 886 -8.49 -15.15 -8.77
N ARG A 887 -7.62 -15.85 -8.04
CA ARG A 887 -6.36 -15.25 -7.61
C ARG A 887 -5.63 -14.63 -8.77
N ASP A 888 -5.48 -15.39 -9.88
CA ASP A 888 -4.82 -14.85 -11.05
C ASP A 888 -5.46 -13.54 -11.47
N VAL A 889 -6.78 -13.53 -11.62
CA VAL A 889 -7.48 -12.31 -12.01
C VAL A 889 -7.15 -11.19 -11.04
N LYS A 890 -7.20 -11.49 -9.74
CA LYS A 890 -6.88 -10.48 -8.74
C LYS A 890 -5.47 -9.93 -8.99
N ARG A 891 -4.50 -10.83 -9.16
CA ARG A 891 -3.15 -10.37 -9.45
C ARG A 891 -3.13 -9.48 -10.68
N LEU A 892 -3.85 -9.91 -11.72
CA LEU A 892 -3.92 -9.10 -12.93
C LEU A 892 -4.47 -7.72 -12.63
N GLU A 893 -5.56 -7.66 -11.87
CA GLU A 893 -6.15 -6.37 -11.54
C GLU A 893 -5.21 -5.52 -10.71
N SER A 894 -4.27 -6.14 -10.01
CA SER A 894 -3.29 -5.35 -9.27
C SER A 894 -2.22 -4.79 -10.20
N THR A 895 -1.80 -5.56 -11.20
CA THR A 895 -0.68 -5.14 -12.03
C THR A 895 -1.08 -4.22 -13.17
N THR A 896 -2.37 -4.08 -13.43
CA THR A 896 -2.86 -3.22 -14.50
C THR A 896 -3.34 -1.87 -14.00
N ARG A 897 -3.22 -1.61 -12.70
CA ARG A 897 -3.69 -0.36 -12.12
C ARG A 897 -2.57 0.67 -11.98
N SER A 898 -1.36 0.23 -11.64
CA SER A 898 -0.23 1.14 -11.56
C SER A 898 0.08 1.89 -12.85
N PRO A 899 -0.06 1.29 -14.06
CA PRO A 899 0.26 2.06 -15.26
C PRO A 899 -0.52 3.36 -15.38
N VAL A 900 -1.78 3.37 -14.95
CA VAL A 900 -2.59 4.59 -15.04
C VAL A 900 -1.97 5.70 -14.19
N PHE A 901 -1.66 5.40 -12.94
CA PHE A 901 -1.07 6.40 -12.06
C PHE A 901 0.30 6.84 -12.56
N SER A 902 1.11 5.90 -13.04
CA SER A 902 2.44 6.27 -13.52
C SER A 902 2.34 7.16 -14.76
N HIS A 903 1.39 6.89 -15.65
CA HIS A 903 1.20 7.76 -16.80
C HIS A 903 0.73 9.14 -16.38
N LEU A 904 -0.16 9.22 -15.40
CA LEU A 904 -0.57 10.53 -14.90
C LEU A 904 0.61 11.29 -14.33
N SER A 905 1.44 10.62 -13.54
CA SER A 905 2.61 11.28 -12.97
C SER A 905 3.58 11.74 -14.06
N SER A 906 3.80 10.90 -15.06
CA SER A 906 4.68 11.28 -16.16
C SER A 906 4.14 12.48 -16.91
N SER A 907 2.83 12.51 -17.18
CA SER A 907 2.24 13.64 -17.87
C SER A 907 2.38 14.91 -17.04
N LEU A 908 2.14 14.82 -15.73
CA LEU A 908 2.25 16.00 -14.88
C LEU A 908 3.69 16.50 -14.83
N GLN A 909 4.66 15.58 -14.76
CA GLN A 909 6.06 15.99 -14.68
C GLN A 909 6.50 16.73 -15.93
N GLY A 910 6.10 16.24 -17.10
CA GLY A 910 6.51 16.86 -18.35
C GLY A 910 5.37 17.55 -19.06
N LEU A 911 4.46 18.14 -18.28
CA LEU A 911 3.30 18.80 -18.87
C LEU A 911 3.72 19.97 -19.75
N TRP A 912 4.86 20.59 -19.44
CA TRP A 912 5.32 21.75 -20.21
C TRP A 912 5.57 21.38 -21.67
N THR A 913 6.37 20.33 -21.89
CA THR A 913 6.66 19.92 -23.26
C THR A 913 5.47 19.26 -23.93
N ILE A 914 4.59 18.62 -23.14
CA ILE A 914 3.36 18.07 -23.71
C ILE A 914 2.53 19.19 -24.33
N ARG A 915 2.38 20.29 -23.59
CA ARG A 915 1.69 21.45 -24.16
C ARG A 915 2.50 22.06 -25.30
N ALA A 916 3.82 21.97 -25.23
CA ALA A 916 4.65 22.56 -26.28
C ALA A 916 4.42 21.89 -27.62
N TYR A 917 4.32 20.56 -27.64
CA TYR A 917 4.14 19.83 -28.89
C TYR A 917 2.68 19.77 -29.34
N LYS A 918 1.76 20.34 -28.57
CA LYS A 918 0.33 20.22 -28.84
C LYS A 918 -0.09 18.75 -28.94
N ALA A 919 0.52 17.92 -28.10
CA ALA A 919 0.24 16.49 -28.08
C ALA A 919 -0.72 16.10 -26.97
N GLU A 920 -1.69 16.98 -26.68
CA GLU A 920 -2.66 16.67 -25.63
C GLU A 920 -3.53 15.48 -26.00
N GLU A 921 -3.99 15.41 -27.25
CA GLU A 921 -4.88 14.32 -27.64
C GLU A 921 -4.15 12.99 -27.67
N ARG A 922 -2.88 12.97 -28.06
CA ARG A 922 -2.13 11.72 -28.09
C ARG A 922 -1.93 11.17 -26.68
N CYS A 923 -1.55 12.03 -25.74
CA CYS A 923 -1.42 11.60 -24.35
C CYS A 923 -2.78 11.20 -23.78
N GLN A 924 -3.85 11.87 -24.20
CA GLN A 924 -5.18 11.47 -23.77
C GLN A 924 -5.50 10.06 -24.26
N GLU A 925 -5.17 9.76 -25.50
CA GLU A 925 -5.41 8.41 -26.03
C GLU A 925 -4.58 7.37 -25.29
N LEU A 926 -3.34 7.72 -24.98
CA LEU A 926 -2.49 6.78 -24.23
C LEU A 926 -3.07 6.51 -22.85
N PHE A 927 -3.55 7.56 -22.17
CA PHE A 927 -4.18 7.37 -20.87
C PHE A 927 -5.45 6.54 -21.01
N ASP A 928 -6.19 6.75 -22.10
CA ASP A 928 -7.41 5.98 -22.32
C ASP A 928 -7.09 4.50 -22.50
N ALA A 929 -6.03 4.18 -23.23
CA ALA A 929 -5.63 2.78 -23.35
C ALA A 929 -5.18 2.21 -22.01
N HIS A 930 -4.41 2.99 -21.24
CA HIS A 930 -3.98 2.52 -19.93
C HIS A 930 -5.16 2.25 -19.02
N GLN A 931 -6.20 3.08 -19.10
CA GLN A 931 -7.39 2.87 -18.29
C GLN A 931 -8.24 1.73 -18.84
N ASP A 932 -8.25 1.53 -20.15
CA ASP A 932 -9.04 0.45 -20.73
C ASP A 932 -8.49 -0.90 -20.32
N LEU A 933 -7.17 -1.02 -20.21
CA LEU A 933 -6.60 -2.29 -19.75
C LEU A 933 -7.05 -2.61 -18.33
N HIS A 934 -6.99 -1.62 -17.44
CA HIS A 934 -7.45 -1.86 -16.09
C HIS A 934 -8.96 -2.07 -16.04
N SER A 935 -9.70 -1.48 -16.98
CA SER A 935 -11.13 -1.73 -17.05
C SER A 935 -11.39 -3.17 -17.44
N GLU A 936 -10.58 -3.72 -18.34
CA GLU A 936 -10.67 -5.15 -18.64
C GLU A 936 -10.43 -5.97 -17.38
N ALA A 937 -9.41 -5.61 -16.61
CA ALA A 937 -9.12 -6.36 -15.38
C ALA A 937 -10.28 -6.27 -14.39
N TRP A 938 -10.84 -5.07 -14.21
CA TRP A 938 -11.93 -4.89 -13.27
C TRP A 938 -13.19 -5.61 -13.72
N PHE A 939 -13.46 -5.59 -15.03
CA PHE A 939 -14.61 -6.33 -15.56
C PHE A 939 -14.45 -7.82 -15.32
N LEU A 940 -13.25 -8.35 -15.57
CA LEU A 940 -13.02 -9.76 -15.31
C LEU A 940 -13.20 -10.08 -13.84
N PHE A 941 -12.71 -9.21 -12.96
CA PHE A 941 -12.83 -9.44 -11.52
C PHE A 941 -14.30 -9.48 -11.11
N LEU A 942 -15.07 -8.48 -11.53
CA LEU A 942 -16.49 -8.44 -11.19
C LEU A 942 -17.21 -9.67 -11.71
N THR A 943 -16.95 -10.04 -12.96
CA THR A 943 -17.70 -11.12 -13.57
C THR A 943 -17.34 -12.47 -12.95
N THR A 944 -16.06 -12.71 -12.66
CA THR A 944 -15.70 -13.97 -12.05
C THR A 944 -16.27 -14.08 -10.64
N SER A 945 -16.27 -12.96 -9.90
CA SER A 945 -16.89 -12.98 -8.58
C SER A 945 -18.37 -13.31 -8.68
N ARG A 946 -19.06 -12.72 -9.65
CA ARG A 946 -20.48 -13.03 -9.80
C ARG A 946 -20.71 -14.47 -10.27
N TRP A 947 -19.82 -15.02 -11.09
CA TRP A 947 -19.92 -16.41 -11.51
C TRP A 947 -19.89 -17.34 -10.30
N PHE A 948 -18.88 -17.16 -9.44
CA PHE A 948 -18.80 -17.97 -8.25
C PHE A 948 -20.01 -17.76 -7.35
N ALA A 949 -20.46 -16.51 -7.22
CA ALA A 949 -21.61 -16.22 -6.36
C ALA A 949 -22.87 -16.92 -6.87
N VAL A 950 -23.07 -16.92 -8.19
CA VAL A 950 -24.24 -17.59 -8.76
C VAL A 950 -24.20 -19.07 -8.43
N ARG A 951 -23.04 -19.70 -8.62
CA ARG A 951 -22.99 -21.15 -8.37
C ARG A 951 -23.18 -21.47 -6.89
N LEU A 952 -22.59 -20.66 -6.01
CA LEU A 952 -22.74 -20.89 -4.57
C LEU A 952 -24.19 -20.73 -4.15
N ASP A 953 -24.84 -19.66 -4.60
CA ASP A 953 -26.24 -19.43 -4.23
C ASP A 953 -27.15 -20.47 -4.87
N ALA A 954 -26.75 -21.03 -6.01
CA ALA A 954 -27.53 -22.13 -6.58
C ALA A 954 -27.45 -23.36 -5.69
N ILE A 955 -26.26 -23.63 -5.13
CA ILE A 955 -26.15 -24.74 -4.18
C ILE A 955 -27.03 -24.49 -2.96
N CYS A 956 -26.99 -23.27 -2.41
CA CYS A 956 -27.81 -22.96 -1.25
C CYS A 956 -29.30 -23.07 -1.57
N ALA A 957 -29.72 -22.60 -2.75
CA ALA A 957 -31.11 -22.70 -3.14
C ALA A 957 -31.53 -24.15 -3.31
N MET A 958 -30.63 -24.99 -3.84
CA MET A 958 -30.94 -26.41 -3.93
C MET A 958 -31.16 -27.00 -2.54
N PHE A 959 -30.34 -26.57 -1.57
CA PHE A 959 -30.55 -27.04 -0.19
C PHE A 959 -31.90 -26.59 0.34
N VAL A 960 -32.27 -25.34 0.09
CA VAL A 960 -33.56 -24.83 0.58
C VAL A 960 -34.72 -25.59 -0.04
N ILE A 961 -34.64 -25.84 -1.35
CA ILE A 961 -35.66 -26.64 -2.01
C ILE A 961 -35.74 -28.02 -1.39
N ILE A 962 -34.60 -28.63 -1.13
CA ILE A 962 -34.58 -29.97 -0.53
C ILE A 962 -35.30 -29.95 0.80
N VAL A 963 -34.97 -28.97 1.65
CA VAL A 963 -35.61 -28.90 2.97
C VAL A 963 -37.11 -28.70 2.83
N ALA A 964 -37.51 -27.70 2.03
CA ALA A 964 -38.91 -27.32 1.95
C ALA A 964 -39.77 -28.44 1.40
N PHE A 965 -39.27 -29.16 0.39
CA PHE A 965 -40.08 -30.23 -0.17
C PHE A 965 -39.98 -31.53 0.59
N GLY A 966 -38.81 -31.85 1.16
CA GLY A 966 -38.72 -33.04 2.00
C GLY A 966 -39.57 -32.94 3.23
N SER A 967 -39.80 -31.72 3.73
CA SER A 967 -40.75 -31.56 4.82
C SER A 967 -42.13 -32.04 4.41
N LEU A 968 -42.55 -31.72 3.18
CA LEU A 968 -43.86 -32.13 2.73
C LEU A 968 -43.93 -33.62 2.42
N ILE A 969 -42.86 -34.17 1.82
CA ILE A 969 -42.87 -35.59 1.49
C ILE A 969 -42.96 -36.43 2.76
N LEU A 970 -42.13 -36.12 3.74
CA LEU A 970 -42.15 -36.83 5.03
C LEU A 970 -43.01 -36.10 6.05
N ALA A 971 -44.24 -35.78 5.66
CA ALA A 971 -45.11 -35.01 6.54
C ALA A 971 -45.71 -35.85 7.65
N LYS A 972 -45.85 -37.16 7.43
CA LYS A 972 -46.46 -38.01 8.44
C LYS A 972 -45.64 -38.04 9.73
N THR A 973 -44.32 -37.95 9.60
CA THR A 973 -43.41 -38.14 10.72
C THR A 973 -42.86 -36.82 11.26
N LEU A 974 -43.45 -35.68 10.89
CA LEU A 974 -42.96 -34.38 11.32
C LEU A 974 -44.10 -33.58 11.92
N ASP A 975 -43.74 -32.63 12.78
CA ASP A 975 -44.70 -31.72 13.39
C ASP A 975 -44.32 -30.27 13.06
N ALA A 976 -45.17 -29.35 13.49
CA ALA A 976 -45.05 -27.97 13.05
C ALA A 976 -43.74 -27.33 13.52
N GLY A 977 -43.34 -27.61 14.76
CA GLY A 977 -42.16 -26.95 15.30
C GLY A 977 -40.89 -27.28 14.53
N GLN A 978 -40.67 -28.56 14.26
CA GLN A 978 -39.46 -28.97 13.54
C GLN A 978 -39.45 -28.39 12.13
N VAL A 979 -40.58 -28.44 11.43
CA VAL A 979 -40.63 -27.92 10.07
C VAL A 979 -40.34 -26.43 10.08
N GLY A 980 -40.95 -25.70 11.00
CA GLY A 980 -40.68 -24.27 11.08
C GLY A 980 -39.22 -23.97 11.36
N LEU A 981 -38.63 -24.69 12.31
CA LEU A 981 -37.23 -24.45 12.66
C LEU A 981 -36.30 -24.72 11.48
N ALA A 982 -36.45 -25.90 10.86
CA ALA A 982 -35.58 -26.26 9.76
C ALA A 982 -35.72 -25.29 8.58
N LEU A 983 -36.96 -24.95 8.22
CA LEU A 983 -37.16 -24.05 7.08
C LEU A 983 -36.65 -22.65 7.39
N SER A 984 -36.89 -22.17 8.62
CA SER A 984 -36.42 -20.84 8.98
C SER A 984 -34.90 -20.75 8.96
N TYR A 985 -34.20 -21.82 9.31
CA TYR A 985 -32.75 -21.79 9.21
C TYR A 985 -32.26 -21.94 7.78
N ALA A 986 -32.95 -22.76 6.99
CA ALA A 986 -32.59 -22.89 5.58
C ALA A 986 -32.73 -21.56 4.87
N LEU A 987 -33.68 -20.73 5.28
CA LEU A 987 -33.86 -19.44 4.61
C LEU A 987 -32.72 -18.45 4.89
N THR A 988 -31.84 -18.73 5.85
CA THR A 988 -30.69 -17.88 6.12
C THR A 988 -29.38 -18.52 5.70
N LEU A 989 -29.39 -19.83 5.43
CA LEU A 989 -28.18 -20.52 4.98
C LEU A 989 -27.52 -19.82 3.81
N MET A 990 -28.32 -19.25 2.90
CA MET A 990 -27.76 -18.66 1.67
C MET A 990 -26.76 -17.55 2.00
N GLY A 991 -27.23 -16.50 2.67
CA GLY A 991 -26.36 -15.41 3.02
C GLY A 991 -25.22 -15.84 3.92
N MET A 992 -25.52 -16.72 4.89
CA MET A 992 -24.44 -17.14 5.79
C MET A 992 -23.34 -17.86 5.02
N PHE A 993 -23.72 -18.74 4.09
CA PHE A 993 -22.74 -19.51 3.33
C PHE A 993 -21.89 -18.60 2.45
N GLN A 994 -22.53 -17.63 1.78
CA GLN A 994 -21.75 -16.71 0.96
C GLN A 994 -20.73 -15.95 1.80
N TRP A 995 -21.19 -15.40 2.93
CA TRP A 995 -20.29 -14.68 3.82
C TRP A 995 -19.13 -15.57 4.26
N CYS A 996 -19.44 -16.79 4.69
CA CYS A 996 -18.42 -17.68 5.23
C CYS A 996 -17.39 -18.06 4.18
N VAL A 997 -17.83 -18.36 2.96
CA VAL A 997 -16.89 -18.75 1.91
C VAL A 997 -15.95 -17.59 1.59
N ARG A 998 -16.51 -16.39 1.45
CA ARG A 998 -15.65 -15.26 1.12
C ARG A 998 -14.67 -14.97 2.24
N GLN A 999 -15.13 -15.07 3.49
CA GLN A 999 -14.24 -14.83 4.63
C GLN A 999 -13.15 -15.90 4.72
N SER A 1000 -13.49 -17.14 4.41
CA SER A 1000 -12.49 -18.20 4.42
C SER A 1000 -11.40 -17.93 3.40
N ALA A 1001 -11.81 -17.51 2.20
CA ALA A 1001 -10.82 -17.15 1.19
C ALA A 1001 -9.95 -15.99 1.68
N GLU A 1002 -10.57 -15.00 2.31
CA GLU A 1002 -9.84 -13.83 2.79
C GLU A 1002 -8.80 -14.23 3.83
N VAL A 1003 -9.19 -15.12 4.76
CA VAL A 1003 -8.27 -15.58 5.80
C VAL A 1003 -7.12 -16.37 5.18
N GLU A 1004 -7.43 -17.27 4.26
CA GLU A 1004 -6.40 -18.05 3.60
C GLU A 1004 -5.43 -17.15 2.84
N ASN A 1005 -5.93 -16.05 2.29
CA ASN A 1005 -5.06 -15.10 1.60
C ASN A 1005 -4.19 -14.33 2.58
N MET A 1006 -4.74 -13.95 3.74
CA MET A 1006 -3.97 -13.16 4.69
C MET A 1006 -2.93 -13.97 5.44
N MET A 1007 -3.11 -15.29 5.54
CA MET A 1007 -2.14 -16.08 6.31
C MET A 1007 -0.74 -16.06 5.71
N ILE A 1008 -0.55 -15.47 4.52
CA ILE A 1008 0.79 -15.33 3.98
C ILE A 1008 1.63 -14.41 4.86
N SER A 1009 1.01 -13.40 5.48
CA SER A 1009 1.75 -12.55 6.42
C SER A 1009 2.24 -13.36 7.61
N VAL A 1010 1.39 -14.25 8.14
CA VAL A 1010 1.82 -15.13 9.22
C VAL A 1010 2.97 -16.00 8.75
N GLU A 1011 2.89 -16.50 7.51
CA GLU A 1011 3.97 -17.33 6.99
C GLU A 1011 5.28 -16.56 6.95
N ARG A 1012 5.24 -15.31 6.49
CA ARG A 1012 6.46 -14.50 6.41
C ARG A 1012 7.01 -14.20 7.80
N VAL A 1013 6.15 -13.86 8.74
CA VAL A 1013 6.59 -13.55 10.10
C VAL A 1013 7.25 -14.78 10.73
N ILE A 1014 6.62 -15.95 10.57
CA ILE A 1014 7.20 -17.17 11.11
C ILE A 1014 8.52 -17.50 10.42
N GLU A 1015 8.63 -17.17 9.13
CA GLU A 1015 9.88 -17.37 8.43
C GLU A 1015 10.99 -16.53 9.04
N TYR A 1016 10.68 -15.28 9.40
CA TYR A 1016 11.70 -14.45 10.04
C TYR A 1016 12.00 -14.90 11.47
N THR A 1017 11.02 -15.49 12.16
CA THR A 1017 11.25 -15.82 13.57
C THR A 1017 12.35 -16.85 13.79
N ASP A 1018 12.72 -17.61 12.75
CA ASP A 1018 13.70 -18.68 12.92
C ASP A 1018 14.91 -18.52 11.99
N LEU A 1019 15.19 -17.31 11.53
CA LEU A 1019 16.34 -17.11 10.67
C LEU A 1019 17.63 -17.28 11.45
N GLU A 1020 18.69 -17.67 10.73
CA GLU A 1020 19.95 -18.02 11.38
C GLU A 1020 20.55 -16.82 12.08
N LYS A 1021 21.04 -17.04 13.30
CA LYS A 1021 21.64 -16.00 14.12
C LYS A 1021 23.13 -16.29 14.29
N GLU A 1022 23.87 -15.26 14.70
CA GLU A 1022 25.31 -15.36 14.88
C GLU A 1022 25.61 -15.82 16.30
N ALA A 1023 26.87 -15.73 16.69
CA ALA A 1023 27.29 -16.17 18.02
C ALA A 1023 26.59 -15.35 19.09
N PRO A 1024 26.31 -15.94 20.24
CA PRO A 1024 25.62 -15.20 21.31
C PRO A 1024 26.46 -14.04 21.81
N TRP A 1025 25.76 -12.99 22.25
CA TRP A 1025 26.45 -11.77 22.68
C TRP A 1025 27.38 -12.05 23.84
N GLU A 1026 26.94 -12.85 24.80
CA GLU A 1026 27.66 -13.07 26.04
C GLU A 1026 27.69 -14.57 26.33
N TYR A 1027 28.86 -15.08 26.69
CA TYR A 1027 28.96 -16.46 27.15
C TYR A 1027 28.78 -16.54 28.67
N GLN A 1028 28.61 -17.76 29.15
CA GLN A 1028 28.64 -17.98 30.60
C GLN A 1028 30.02 -17.67 31.16
N LYS A 1029 31.07 -18.04 30.43
CA LYS A 1029 32.42 -17.68 30.80
C LYS A 1029 32.73 -16.25 30.33
N ARG A 1030 33.39 -15.48 31.19
CA ARG A 1030 33.68 -14.10 30.90
C ARG A 1030 35.17 -13.80 31.04
N PRO A 1031 35.72 -12.95 30.20
CA PRO A 1031 37.10 -12.49 30.38
C PRO A 1031 37.19 -11.49 31.52
N PRO A 1032 38.39 -11.21 32.01
CA PRO A 1032 38.52 -10.23 33.09
C PRO A 1032 38.03 -8.87 32.64
N PRO A 1033 37.45 -8.08 33.54
CA PRO A 1033 36.96 -6.76 33.15
C PRO A 1033 38.06 -5.81 32.69
N ALA A 1034 39.31 -6.06 33.08
CA ALA A 1034 40.46 -5.25 32.67
C ALA A 1034 41.19 -5.88 31.51
N TRP A 1035 40.46 -6.52 30.59
CA TRP A 1035 41.09 -7.21 29.46
C TRP A 1035 41.94 -6.30 28.60
N PRO A 1036 41.46 -5.12 28.15
CA PRO A 1036 42.40 -4.26 27.40
C PRO A 1036 43.36 -3.52 28.31
N HIS A 1037 44.23 -4.28 28.97
CA HIS A 1037 45.24 -3.73 29.86
C HIS A 1037 46.60 -3.57 29.21
N GLU A 1038 46.84 -4.22 28.07
CA GLU A 1038 48.13 -4.16 27.40
C GLU A 1038 48.07 -3.46 26.05
N GLY A 1039 46.95 -3.58 25.34
CA GLY A 1039 46.81 -2.94 24.06
C GLY A 1039 47.39 -3.70 22.89
N VAL A 1040 47.81 -4.94 23.09
CA VAL A 1040 48.40 -5.75 22.04
C VAL A 1040 47.33 -6.61 21.40
N ILE A 1041 47.13 -6.42 20.10
CA ILE A 1041 46.30 -7.29 19.27
C ILE A 1041 47.14 -7.70 18.07
N ILE A 1042 47.10 -9.00 17.73
CA ILE A 1042 47.88 -9.53 16.63
C ILE A 1042 46.99 -10.42 15.78
N PHE A 1043 47.40 -10.63 14.55
CA PHE A 1043 46.69 -11.49 13.61
C PHE A 1043 47.56 -12.70 13.30
N ASP A 1044 46.98 -13.89 13.47
CA ASP A 1044 47.72 -15.14 13.33
C ASP A 1044 47.00 -15.99 12.28
N ASN A 1045 47.40 -15.82 11.02
CA ASN A 1045 46.96 -16.67 9.91
C ASN A 1045 45.42 -16.71 9.83
N VAL A 1046 44.83 -15.56 9.56
CA VAL A 1046 43.39 -15.42 9.50
C VAL A 1046 42.95 -15.31 8.04
N ASN A 1047 41.92 -16.06 7.68
CA ASN A 1047 41.41 -16.13 6.31
C ASN A 1047 39.94 -15.73 6.33
N PHE A 1048 39.66 -14.45 6.13
CA PHE A 1048 38.29 -13.98 6.16
C PHE A 1048 37.51 -14.52 4.97
N MET A 1049 36.32 -15.04 5.23
CA MET A 1049 35.43 -15.60 4.21
C MET A 1049 34.03 -15.07 4.44
N TYR A 1050 33.52 -14.27 3.50
CA TYR A 1050 32.13 -13.84 3.60
C TYR A 1050 31.19 -15.02 3.39
N SER A 1051 31.45 -15.83 2.36
CA SER A 1051 30.65 -16.99 2.06
C SER A 1051 31.58 -18.18 1.80
N PRO A 1052 31.31 -19.34 2.38
CA PRO A 1052 32.17 -20.51 2.15
C PRO A 1052 32.20 -20.90 0.67
N GLY A 1053 33.41 -20.99 0.12
CA GLY A 1053 33.58 -21.26 -1.29
C GLY A 1053 33.38 -20.07 -2.19
N GLY A 1054 33.23 -18.87 -1.64
CA GLY A 1054 33.00 -17.68 -2.42
C GLY A 1054 34.28 -16.93 -2.72
N PRO A 1055 34.19 -15.60 -2.80
CA PRO A 1055 35.37 -14.79 -3.13
C PRO A 1055 36.37 -14.78 -1.98
N LEU A 1056 37.62 -14.51 -2.34
CA LEU A 1056 38.73 -14.45 -1.40
C LEU A 1056 38.98 -12.99 -1.03
N VAL A 1057 38.91 -12.68 0.26
CA VAL A 1057 39.13 -11.33 0.72
C VAL A 1057 40.35 -11.20 1.64
N LEU A 1058 40.70 -12.26 2.39
CA LEU A 1058 41.90 -12.28 3.22
C LEU A 1058 42.58 -13.62 3.02
N LYS A 1059 43.87 -13.61 2.73
CA LYS A 1059 44.65 -14.82 2.49
C LYS A 1059 45.79 -14.90 3.51
N HIS A 1060 45.60 -15.74 4.53
CA HIS A 1060 46.62 -16.00 5.54
C HIS A 1060 47.15 -14.69 6.14
N LEU A 1061 46.21 -13.82 6.50
CA LEU A 1061 46.58 -12.51 7.00
C LEU A 1061 47.28 -12.65 8.35
N THR A 1062 48.48 -12.07 8.43
CA THR A 1062 49.29 -12.11 9.65
C THR A 1062 49.80 -10.72 9.94
N ALA A 1063 49.62 -10.25 11.17
CA ALA A 1063 50.03 -8.91 11.54
C ALA A 1063 50.59 -8.93 12.95
N LEU A 1064 51.47 -7.98 13.24
CA LEU A 1064 52.08 -7.83 14.55
C LEU A 1064 52.03 -6.36 14.92
N ILE A 1065 51.07 -5.98 15.76
CA ILE A 1065 50.92 -4.61 16.21
C ILE A 1065 51.45 -4.52 17.63
N LYS A 1066 52.43 -3.64 17.84
CA LYS A 1066 53.12 -3.55 19.11
C LYS A 1066 52.20 -2.96 20.18
N SER A 1067 52.68 -3.01 21.42
CA SER A 1067 51.92 -2.48 22.55
C SER A 1067 51.88 -0.97 22.48
N GLN A 1068 50.67 -0.41 22.52
CA GLN A 1068 50.47 1.04 22.59
C GLN A 1068 51.11 1.74 21.39
N GLU A 1069 50.68 1.34 20.19
CA GLU A 1069 51.32 1.75 18.95
C GLU A 1069 50.25 2.21 17.98
N LYS A 1070 50.42 3.40 17.42
CA LYS A 1070 49.42 4.00 16.54
C LYS A 1070 49.78 3.67 15.10
N VAL A 1071 48.97 2.82 14.44
CA VAL A 1071 49.31 2.33 13.12
C VAL A 1071 48.11 2.46 12.19
N GLY A 1072 48.40 2.50 10.89
CA GLY A 1072 47.35 2.51 9.89
C GLY A 1072 47.74 1.63 8.73
N ILE A 1073 46.74 1.27 7.93
CA ILE A 1073 46.98 0.50 6.71
C ILE A 1073 46.24 1.17 5.58
N VAL A 1074 46.65 0.86 4.35
CA VAL A 1074 46.02 1.41 3.16
C VAL A 1074 45.74 0.27 2.18
N GLY A 1075 44.57 0.30 1.57
CA GLY A 1075 44.17 -0.74 0.63
C GLY A 1075 44.00 -0.23 -0.78
N ARG A 1076 43.06 -0.81 -1.53
CA ARG A 1076 42.83 -0.46 -2.93
C ARG A 1076 41.34 -0.22 -3.13
N THR A 1077 40.90 1.03 -2.88
CA THR A 1077 39.52 1.45 -3.10
C THR A 1077 38.54 0.53 -2.39
N GLY A 1078 38.86 0.16 -1.15
CA GLY A 1078 38.02 -0.69 -0.35
C GLY A 1078 38.32 -2.18 -0.45
N ALA A 1079 39.20 -2.58 -1.36
CA ALA A 1079 39.59 -3.99 -1.48
C ALA A 1079 40.49 -4.35 -0.32
N GLY A 1080 39.93 -5.00 0.70
CA GLY A 1080 40.67 -5.34 1.89
C GLY A 1080 40.68 -4.28 2.97
N LYS A 1081 40.08 -3.11 2.72
CA LYS A 1081 40.03 -2.06 3.73
C LYS A 1081 39.01 -2.38 4.80
N SER A 1082 37.73 -2.48 4.42
CA SER A 1082 36.68 -2.81 5.38
C SER A 1082 36.78 -4.24 5.88
N SER A 1083 37.50 -5.10 5.15
CA SER A 1083 37.64 -6.49 5.57
C SER A 1083 38.40 -6.59 6.89
N LEU A 1084 39.41 -5.74 7.08
CA LEU A 1084 40.15 -5.76 8.33
C LEU A 1084 39.27 -5.40 9.51
N ILE A 1085 38.40 -4.40 9.33
CA ILE A 1085 37.48 -4.01 10.40
C ILE A 1085 36.48 -5.14 10.67
N SER A 1086 35.98 -5.77 9.60
CA SER A 1086 35.07 -6.89 9.80
C SER A 1086 35.74 -8.03 10.56
N ALA A 1087 37.01 -8.30 10.25
CA ALA A 1087 37.73 -9.36 10.95
C ALA A 1087 37.97 -9.00 12.41
N LEU A 1088 38.40 -7.77 12.68
CA LEU A 1088 38.64 -7.35 14.06
C LEU A 1088 37.37 -7.43 14.88
N PHE A 1089 36.28 -6.89 14.35
CA PHE A 1089 35.07 -6.77 15.13
C PHE A 1089 34.28 -8.07 15.18
N ARG A 1090 34.64 -9.04 14.33
CA ARG A 1090 34.07 -10.37 14.28
C ARG A 1090 32.60 -10.35 13.87
N LEU A 1091 32.04 -9.17 13.61
CA LEU A 1091 30.63 -9.06 13.25
C LEU A 1091 30.26 -9.84 12.01
N SER A 1092 31.23 -10.15 11.15
CA SER A 1092 31.00 -11.02 10.00
C SER A 1092 31.72 -12.36 10.12
N GLU A 1093 32.16 -12.72 11.33
CA GLU A 1093 32.72 -14.03 11.63
C GLU A 1093 33.93 -14.37 10.77
N PRO A 1094 35.09 -13.77 11.04
CA PRO A 1094 36.29 -14.14 10.30
C PRO A 1094 36.65 -15.61 10.51
N GLU A 1095 37.06 -16.28 9.43
CA GLU A 1095 37.53 -17.65 9.49
C GLU A 1095 39.04 -17.59 9.78
N GLY A 1096 39.34 -17.20 11.01
CA GLY A 1096 40.70 -16.97 11.45
C GLY A 1096 40.78 -17.17 12.94
N LYS A 1097 41.99 -17.40 13.39
CA LYS A 1097 42.28 -17.88 14.73
C LYS A 1097 43.22 -16.88 15.41
N ILE A 1098 42.72 -16.17 16.41
CA ILE A 1098 43.32 -14.92 16.88
C ILE A 1098 43.45 -14.95 18.38
N TRP A 1099 44.58 -14.47 18.89
CA TRP A 1099 44.80 -14.26 20.31
C TRP A 1099 45.25 -12.82 20.53
N ILE A 1100 44.31 -11.88 20.70
CA ILE A 1100 44.67 -10.54 21.16
C ILE A 1100 44.84 -10.63 22.67
N ASP A 1101 46.00 -10.19 23.17
CA ASP A 1101 46.38 -10.40 24.56
C ASP A 1101 46.24 -11.86 24.98
N LYS A 1102 46.64 -12.77 24.09
CA LYS A 1102 46.73 -14.21 24.36
C LYS A 1102 45.39 -14.81 24.79
N ILE A 1103 44.28 -14.33 24.24
CA ILE A 1103 42.98 -14.95 24.44
C ILE A 1103 42.29 -15.08 23.09
N LEU A 1104 41.73 -16.27 22.84
CA LEU A 1104 41.03 -16.52 21.59
C LEU A 1104 39.83 -15.59 21.48
N THR A 1105 39.67 -14.96 20.31
CA THR A 1105 38.59 -14.00 20.12
C THR A 1105 37.24 -14.67 20.30
N THR A 1106 37.16 -15.99 20.12
CA THR A 1106 35.91 -16.70 20.33
C THR A 1106 35.46 -16.64 21.79
N GLU A 1107 36.37 -16.89 22.73
CA GLU A 1107 35.99 -17.05 24.13
C GLU A 1107 35.48 -15.77 24.77
N ILE A 1108 35.66 -14.62 24.14
CA ILE A 1108 34.97 -13.39 24.52
C ILE A 1108 33.72 -13.27 23.66
N GLY A 1109 32.58 -13.07 24.30
CA GLY A 1109 31.33 -13.00 23.58
C GLY A 1109 31.28 -11.80 22.67
N LEU A 1110 30.20 -11.74 21.87
CA LEU A 1110 30.07 -10.68 20.90
C LEU A 1110 30.02 -9.31 21.57
N HIS A 1111 29.13 -9.15 22.55
CA HIS A 1111 29.01 -7.85 23.22
C HIS A 1111 30.24 -7.55 24.06
N ASP A 1112 30.78 -8.55 24.75
CA ASP A 1112 31.94 -8.32 25.59
C ASP A 1112 33.18 -7.99 24.77
N LEU A 1113 33.18 -8.32 23.48
CA LEU A 1113 34.28 -7.93 22.59
C LEU A 1113 34.01 -6.55 21.97
N ARG A 1114 32.82 -6.37 21.39
CA ARG A 1114 32.49 -5.10 20.75
C ARG A 1114 32.49 -3.96 21.74
N LYS A 1115 32.24 -4.23 23.03
CA LYS A 1115 32.20 -3.16 24.01
C LYS A 1115 33.55 -2.48 24.13
N LYS A 1116 34.63 -3.25 24.25
CA LYS A 1116 35.98 -2.68 24.30
C LYS A 1116 36.57 -2.58 22.91
N MET A 1117 35.81 -1.99 21.99
CA MET A 1117 36.13 -1.97 20.57
C MET A 1117 35.64 -0.62 20.04
N SER A 1118 36.51 0.39 20.04
CA SER A 1118 36.13 1.75 19.67
C SER A 1118 36.41 1.99 18.19
N ILE A 1119 35.42 2.56 17.50
CA ILE A 1119 35.50 2.78 16.06
C ILE A 1119 34.82 4.09 15.69
N ILE A 1120 35.35 4.75 14.66
CA ILE A 1120 34.69 5.90 14.05
C ILE A 1120 34.29 5.52 12.62
N PRO A 1121 33.00 5.42 12.33
CA PRO A 1121 32.58 5.03 10.98
C PRO A 1121 32.84 6.12 9.95
N GLN A 1122 32.83 5.72 8.68
CA GLN A 1122 32.99 6.70 7.60
C GLN A 1122 31.81 7.66 7.54
N GLU A 1123 30.58 7.16 7.65
CA GLU A 1123 29.40 8.00 7.69
C GLU A 1123 28.85 7.95 9.11
N PRO A 1124 29.13 8.97 9.92
CA PRO A 1124 28.53 9.02 11.26
C PRO A 1124 27.02 9.08 11.15
N VAL A 1125 26.35 8.41 12.09
CA VAL A 1125 24.90 8.34 12.09
C VAL A 1125 24.38 8.85 13.43
N LEU A 1126 23.17 9.40 13.41
CA LEU A 1126 22.55 9.99 14.57
C LEU A 1126 21.20 9.31 14.82
N PHE A 1127 20.93 8.99 16.07
CA PHE A 1127 19.70 8.31 16.45
C PHE A 1127 18.74 9.27 17.13
N THR A 1128 17.45 9.14 16.82
CA THR A 1128 16.45 9.98 17.43
C THR A 1128 16.39 9.73 18.93
N GLY A 1129 16.33 10.81 19.70
CA GLY A 1129 16.32 10.75 21.14
C GLY A 1129 17.09 11.91 21.70
N THR A 1130 17.25 11.91 23.02
CA THR A 1130 17.99 12.98 23.67
C THR A 1130 19.46 12.91 23.31
N MET A 1131 20.13 14.06 23.38
CA MET A 1131 21.58 14.07 23.21
C MET A 1131 22.26 13.23 24.27
N ARG A 1132 21.67 13.16 25.47
CA ARG A 1132 22.21 12.28 26.50
C ARG A 1132 22.17 10.82 26.06
N LYS A 1133 21.05 10.40 25.46
CA LYS A 1133 20.91 9.00 25.06
C LYS A 1133 21.80 8.69 23.87
N ASN A 1134 21.96 9.63 22.93
CA ASN A 1134 22.82 9.38 21.78
C ASN A 1134 24.29 9.39 22.19
N LEU A 1135 24.64 10.23 23.17
CA LEU A 1135 26.02 10.25 23.65
C LEU A 1135 26.31 9.03 24.51
N ASP A 1136 25.33 8.56 25.27
CA ASP A 1136 25.51 7.44 26.18
C ASP A 1136 24.14 6.84 26.46
N PRO A 1137 23.75 5.80 25.72
CA PRO A 1137 22.40 5.24 25.91
C PRO A 1137 22.26 4.36 27.13
N PHE A 1138 23.35 3.77 27.62
CA PHE A 1138 23.29 2.91 28.80
C PHE A 1138 23.45 3.68 30.10
N ASN A 1139 23.74 4.98 30.03
CA ASN A 1139 23.92 5.83 31.21
C ASN A 1139 24.98 5.24 32.14
N GLU A 1140 26.04 4.68 31.55
CA GLU A 1140 27.15 4.13 32.31
C GLU A 1140 28.16 5.20 32.71
N HIS A 1141 28.01 6.42 32.23
CA HIS A 1141 28.88 7.52 32.60
C HIS A 1141 28.09 8.57 33.35
N THR A 1142 28.63 9.00 34.49
CA THR A 1142 27.98 10.02 35.29
C THR A 1142 27.96 11.35 34.54
N ASP A 1143 27.00 12.20 34.93
CA ASP A 1143 26.68 13.38 34.13
C ASP A 1143 27.88 14.29 33.94
N GLU A 1144 28.57 14.63 35.04
CA GLU A 1144 29.66 15.60 34.93
C GLU A 1144 30.80 15.05 34.08
N GLU A 1145 30.87 13.73 33.90
CA GLU A 1145 31.82 13.17 32.96
C GLU A 1145 31.53 13.65 31.54
N LEU A 1146 30.27 13.54 31.11
CA LEU A 1146 29.90 14.07 29.80
C LEU A 1146 30.09 15.58 29.76
N TRP A 1147 29.68 16.28 30.83
CA TRP A 1147 29.87 17.73 30.88
C TRP A 1147 31.32 18.11 30.61
N ASN A 1148 32.24 17.52 31.35
CA ASN A 1148 33.65 17.88 31.25
C ASN A 1148 34.25 17.43 29.92
N ALA A 1149 33.96 16.20 29.50
CA ALA A 1149 34.54 15.70 28.26
C ALA A 1149 34.07 16.51 27.06
N LEU A 1150 32.78 16.82 27.00
CA LEU A 1150 32.25 17.61 25.90
C LEU A 1150 32.66 19.07 26.00
N GLN A 1151 32.97 19.56 27.20
CA GLN A 1151 33.51 20.91 27.32
C GLN A 1151 34.95 20.97 26.85
N GLU A 1152 35.70 19.87 27.04
CA GLU A 1152 37.07 19.81 26.53
C GLU A 1152 37.09 19.91 25.01
N VAL A 1153 36.12 19.28 24.34
CA VAL A 1153 35.99 19.35 22.90
C VAL A 1153 35.01 20.47 22.57
N GLN A 1154 34.85 21.38 23.54
CA GLN A 1154 34.05 22.61 23.45
C GLN A 1154 32.73 22.39 22.72
N LEU A 1155 32.16 21.19 22.86
CA LEU A 1155 30.86 20.90 22.28
C LEU A 1155 29.72 21.19 23.25
N LYS A 1156 30.02 21.37 24.54
CA LYS A 1156 28.98 21.71 25.51
C LYS A 1156 28.34 23.05 25.20
N GLU A 1157 29.13 24.04 24.79
CA GLU A 1157 28.54 25.32 24.41
C GLU A 1157 27.70 25.17 23.16
N THR A 1158 28.05 24.23 22.28
CA THR A 1158 27.27 24.03 21.06
C THR A 1158 25.92 23.40 21.36
N ILE A 1159 25.88 22.41 22.26
CA ILE A 1159 24.61 21.77 22.59
C ILE A 1159 23.82 22.62 23.57
N GLU A 1160 24.49 23.53 24.29
CA GLU A 1160 23.78 24.37 25.25
C GLU A 1160 22.98 25.45 24.54
N ASP A 1161 23.50 25.97 23.42
CA ASP A 1161 22.74 26.93 22.63
C ASP A 1161 21.59 26.27 21.87
N LEU A 1162 21.53 24.95 21.85
CA LEU A 1162 20.37 24.28 21.25
C LEU A 1162 19.12 24.65 22.04
N PRO A 1163 18.01 24.93 21.36
CA PRO A 1163 16.81 25.39 22.09
C PRO A 1163 16.30 24.41 23.13
N GLY A 1164 16.42 23.11 22.88
CA GLY A 1164 15.97 22.12 23.85
C GLY A 1164 16.91 21.86 25.00
N LYS A 1165 18.10 22.47 24.98
CA LYS A 1165 19.12 22.32 26.02
C LYS A 1165 19.59 20.87 26.04
N MET A 1166 19.66 20.21 27.19
CA MET A 1166 20.25 18.88 27.27
C MET A 1166 19.34 17.83 26.66
N ASP A 1167 18.02 17.95 26.89
CA ASP A 1167 17.05 16.97 26.41
C ASP A 1167 16.46 17.38 25.07
N THR A 1168 17.27 18.01 24.24
CA THR A 1168 16.79 18.53 22.96
C THR A 1168 16.16 17.42 22.13
N GLU A 1169 14.97 17.70 21.60
CA GLU A 1169 14.29 16.76 20.73
C GLU A 1169 15.04 16.67 19.41
N LEU A 1170 15.80 15.60 19.23
CA LEU A 1170 16.55 15.41 18.00
C LEU A 1170 15.61 15.24 16.81
N ALA A 1171 16.01 15.79 15.67
CA ALA A 1171 15.24 15.70 14.45
C ALA A 1171 15.39 14.29 13.88
N GLU A 1172 14.91 14.10 12.65
CA GLU A 1172 14.96 12.80 12.00
C GLU A 1172 16.41 12.48 11.66
N SER A 1173 17.07 11.74 12.55
CA SER A 1173 18.48 11.39 12.41
C SER A 1173 19.38 12.61 12.28
N GLY A 1174 19.04 13.67 13.00
CA GLY A 1174 19.86 14.88 13.01
C GLY A 1174 19.99 15.53 11.64
N SER A 1175 18.87 15.68 10.94
CA SER A 1175 18.92 16.30 9.61
C SER A 1175 19.42 17.73 9.68
N ASN A 1176 18.94 18.50 10.67
CA ASN A 1176 19.41 19.87 10.81
C ASN A 1176 20.86 19.92 11.26
N PHE A 1177 21.30 18.96 12.07
CA PHE A 1177 22.69 18.87 12.46
C PHE A 1177 23.59 18.73 11.24
N SER A 1178 24.67 19.51 11.22
CA SER A 1178 25.61 19.48 10.11
C SER A 1178 26.47 18.22 10.20
N VAL A 1179 27.12 17.89 9.09
CA VAL A 1179 27.98 16.71 9.09
C VAL A 1179 29.18 16.92 10.01
N GLY A 1180 29.68 18.15 10.11
CA GLY A 1180 30.75 18.41 11.06
C GLY A 1180 30.34 18.08 12.48
N GLN A 1181 29.13 18.47 12.88
CA GLN A 1181 28.61 18.07 14.18
C GLN A 1181 28.46 16.55 14.28
N ARG A 1182 28.29 15.87 13.15
CA ARG A 1182 28.18 14.41 13.19
C ARG A 1182 29.52 13.75 13.52
N GLN A 1183 30.60 14.17 12.84
CA GLN A 1183 31.92 13.68 13.29
C GLN A 1183 32.23 14.14 14.70
N LEU A 1184 31.78 15.32 15.09
CA LEU A 1184 32.01 15.80 16.45
C LEU A 1184 31.35 14.87 17.46
N VAL A 1185 30.09 14.49 17.21
CA VAL A 1185 29.37 13.67 18.16
C VAL A 1185 29.91 12.24 18.17
N CYS A 1186 30.36 11.75 17.01
CA CYS A 1186 30.98 10.42 16.99
C CYS A 1186 32.30 10.41 17.76
N LEU A 1187 33.11 11.46 17.60
CA LEU A 1187 34.33 11.56 18.39
C LEU A 1187 34.00 11.67 19.88
N ALA A 1188 32.93 12.37 20.21
CA ALA A 1188 32.51 12.44 21.61
C ALA A 1188 32.13 11.06 22.14
N ARG A 1189 31.44 10.27 21.31
CA ARG A 1189 31.11 8.91 21.70
C ARG A 1189 32.37 8.10 21.98
N ALA A 1190 33.35 8.23 21.08
CA ALA A 1190 34.61 7.51 21.27
C ALA A 1190 35.32 7.97 22.55
N ILE A 1191 35.30 9.28 22.81
CA ILE A 1191 35.96 9.82 24.00
C ILE A 1191 35.32 9.26 25.26
N LEU A 1192 33.99 9.24 25.31
CA LEU A 1192 33.32 8.69 26.48
C LEU A 1192 33.54 7.19 26.60
N ARG A 1193 33.69 6.48 25.48
CA ARG A 1193 33.87 5.03 25.55
C ARG A 1193 35.11 4.66 26.35
N LYS A 1194 36.18 5.44 26.21
CA LYS A 1194 37.39 5.30 27.04
C LYS A 1194 38.01 3.91 26.92
N ASN A 1195 38.11 3.42 25.68
CA ASN A 1195 38.76 2.15 25.43
C ASN A 1195 40.25 2.39 25.21
N GLN A 1196 41.02 1.29 25.20
CA GLN A 1196 42.46 1.38 24.98
C GLN A 1196 42.83 1.28 23.51
N ILE A 1197 41.95 0.76 22.67
CA ILE A 1197 42.12 0.75 21.23
C ILE A 1197 41.08 1.68 20.63
N LEU A 1198 41.27 2.02 19.36
CA LEU A 1198 40.32 2.85 18.65
C LEU A 1198 40.59 2.75 17.16
N ILE A 1199 39.52 2.69 16.37
CA ILE A 1199 39.61 2.52 14.93
C ILE A 1199 39.19 3.82 14.26
N ILE A 1200 39.99 4.30 13.32
CA ILE A 1200 39.65 5.46 12.50
C ILE A 1200 39.36 4.94 11.10
N ASP A 1201 38.08 4.84 10.75
CA ASP A 1201 37.70 4.38 9.42
C ASP A 1201 37.35 5.63 8.64
N GLU A 1202 38.38 6.35 8.19
CA GLU A 1202 38.22 7.68 7.58
C GLU A 1202 38.35 7.51 6.07
N ALA A 1203 37.26 7.11 5.42
CA ALA A 1203 37.29 6.95 3.97
C ALA A 1203 36.19 7.70 3.24
N THR A 1204 35.38 8.50 3.94
CA THR A 1204 34.37 9.31 3.29
C THR A 1204 35.02 10.39 2.44
N ALA A 1205 34.41 10.69 1.29
CA ALA A 1205 34.99 11.64 0.34
C ALA A 1205 34.50 13.06 0.61
N ASN A 1206 33.18 13.24 0.70
CA ASN A 1206 32.59 14.58 0.86
C ASN A 1206 32.54 15.01 2.33
N VAL A 1207 33.68 15.01 2.99
CA VAL A 1207 33.75 15.33 4.41
C VAL A 1207 34.43 16.68 4.58
N ASP A 1208 33.93 17.47 5.51
CA ASP A 1208 34.30 18.89 5.60
C ASP A 1208 35.75 19.05 6.05
N PRO A 1209 36.62 19.66 5.23
CA PRO A 1209 38.05 19.73 5.58
C PRO A 1209 38.34 20.44 6.90
N ARG A 1210 37.59 21.50 7.20
CA ARG A 1210 37.78 22.22 8.46
C ARG A 1210 37.48 21.29 9.63
N THR A 1211 36.40 20.54 9.53
CA THR A 1211 36.11 19.52 10.55
C THR A 1211 37.15 18.41 10.56
N ASP A 1212 37.72 18.04 9.40
CA ASP A 1212 38.72 16.98 9.40
C ASP A 1212 40.00 17.42 10.11
N GLU A 1213 40.52 18.60 9.78
CA GLU A 1213 41.69 19.06 10.52
C GLU A 1213 41.37 19.15 12.01
N LEU A 1214 40.15 19.59 12.34
CA LEU A 1214 39.74 19.62 13.74
C LEU A 1214 39.85 18.23 14.37
N ILE A 1215 39.20 17.22 13.77
CA ILE A 1215 39.06 15.98 14.52
C ILE A 1215 40.38 15.23 14.49
N GLN A 1216 41.24 15.48 13.50
CA GLN A 1216 42.59 14.92 13.55
C GLN A 1216 43.37 15.48 14.72
N LYS A 1217 43.37 16.81 14.90
CA LYS A 1217 44.12 17.29 16.06
C LYS A 1217 43.46 16.85 17.36
N LYS A 1218 42.14 16.62 17.34
CA LYS A 1218 41.47 16.10 18.52
C LYS A 1218 41.95 14.71 18.89
N ILE A 1219 41.79 13.74 17.98
CA ILE A 1219 42.15 12.37 18.35
C ILE A 1219 43.67 12.24 18.49
N ARG A 1220 44.44 13.19 17.95
CA ARG A 1220 45.86 13.22 18.26
C ARG A 1220 46.09 13.69 19.70
N GLU A 1221 45.32 14.68 20.15
CA GLU A 1221 45.58 15.22 21.50
C GLU A 1221 44.77 14.50 22.57
N LYS A 1222 43.64 13.89 22.22
CA LYS A 1222 42.80 13.24 23.23
C LYS A 1222 43.22 11.78 23.44
N PHE A 1223 43.18 10.97 22.39
CA PHE A 1223 43.56 9.56 22.53
C PHE A 1223 45.05 9.43 22.78
N ALA A 1224 45.87 10.10 21.98
CA ALA A 1224 47.32 10.09 22.14
C ALA A 1224 47.84 8.66 22.27
N HIS A 1225 48.09 8.23 23.50
CA HIS A 1225 48.61 6.88 23.76
C HIS A 1225 47.46 5.87 23.94
N CYS A 1226 46.70 5.72 22.86
CA CYS A 1226 45.76 4.63 22.70
C CYS A 1226 45.98 4.00 21.33
N THR A 1227 46.04 2.67 21.27
CA THR A 1227 46.36 1.99 20.03
C THR A 1227 45.26 2.23 19.00
N VAL A 1228 45.59 2.95 17.93
CA VAL A 1228 44.63 3.27 16.89
C VAL A 1228 44.98 2.49 15.63
N LEU A 1229 43.96 1.96 14.97
CA LEU A 1229 44.08 1.36 13.64
C LEU A 1229 43.40 2.31 12.67
N THR A 1230 44.19 2.92 11.79
CA THR A 1230 43.70 3.95 10.88
C THR A 1230 43.63 3.39 9.46
N ILE A 1231 42.42 3.28 8.93
CA ILE A 1231 42.19 2.95 7.54
C ILE A 1231 41.65 4.20 6.86
N ALA A 1232 42.22 4.55 5.71
CA ALA A 1232 41.84 5.78 5.02
C ALA A 1232 42.36 5.72 3.60
N HIS A 1233 41.83 6.61 2.77
CA HIS A 1233 42.31 6.84 1.42
C HIS A 1233 43.16 8.08 1.29
N ARG A 1234 43.12 8.98 2.29
CA ARG A 1234 43.98 10.16 2.31
C ARG A 1234 45.33 9.74 2.87
N LEU A 1235 46.34 9.68 2.01
CA LEU A 1235 47.65 9.22 2.43
C LEU A 1235 48.23 10.11 3.53
N ASN A 1236 47.95 11.42 3.47
CA ASN A 1236 48.46 12.34 4.48
C ASN A 1236 47.99 11.96 5.88
N THR A 1237 46.80 11.38 6.00
CA THR A 1237 46.29 10.98 7.29
C THR A 1237 47.00 9.75 7.85
N ILE A 1238 47.74 9.03 7.01
CA ILE A 1238 48.56 7.92 7.48
C ILE A 1238 50.03 8.32 7.62
N ILE A 1239 50.51 9.28 6.83
CA ILE A 1239 51.91 9.66 6.90
C ILE A 1239 52.25 10.18 8.29
N ASP A 1240 51.31 10.87 8.95
CA ASP A 1240 51.51 11.27 10.33
C ASP A 1240 51.67 10.08 11.27
N SER A 1241 51.07 8.94 10.95
CA SER A 1241 51.23 7.76 11.80
C SER A 1241 52.68 7.30 11.80
N ASP A 1242 53.13 6.81 12.95
CA ASP A 1242 54.53 6.43 13.10
C ASP A 1242 54.90 5.24 12.22
N LYS A 1243 53.99 4.29 12.05
CA LYS A 1243 54.26 3.12 11.23
C LYS A 1243 53.10 2.87 10.29
N ILE A 1244 53.42 2.40 9.08
CA ILE A 1244 52.44 2.07 8.05
C ILE A 1244 52.66 0.63 7.64
N MET A 1245 51.60 -0.16 7.64
CA MET A 1245 51.62 -1.55 7.21
C MET A 1245 50.79 -1.65 5.93
N VAL A 1246 51.45 -1.53 4.78
CA VAL A 1246 50.74 -1.56 3.51
C VAL A 1246 50.21 -2.96 3.27
N LEU A 1247 48.92 -3.07 2.96
CA LEU A 1247 48.24 -4.35 2.84
C LEU A 1247 47.25 -4.28 1.69
N ASP A 1248 47.31 -5.27 0.80
CA ASP A 1248 46.37 -5.32 -0.33
C ASP A 1248 46.19 -6.75 -0.78
N SER A 1249 44.95 -7.08 -1.16
CA SER A 1249 44.59 -8.41 -1.68
C SER A 1249 45.01 -9.53 -0.74
N GLY A 1250 44.98 -9.26 0.56
CA GLY A 1250 45.30 -10.26 1.55
C GLY A 1250 46.77 -10.57 1.71
N ARG A 1251 47.65 -9.83 1.02
CA ARG A 1251 49.08 -10.09 1.04
C ARG A 1251 49.80 -8.91 1.70
N LEU A 1252 50.63 -9.21 2.70
CA LEU A 1252 51.43 -8.20 3.39
C LEU A 1252 52.48 -7.69 2.43
N LYS A 1253 52.26 -6.48 1.89
CA LYS A 1253 53.17 -5.96 0.87
C LYS A 1253 54.38 -5.28 1.49
N GLU A 1254 54.17 -4.47 2.52
CA GLU A 1254 55.26 -3.68 3.11
C GLU A 1254 55.31 -3.88 4.61
N TYR A 1255 56.51 -4.14 5.13
CA TYR A 1255 56.78 -4.07 6.56
C TYR A 1255 58.26 -3.73 6.71
N ASP A 1256 58.57 -2.46 6.88
CA ASP A 1256 59.95 -1.99 6.98
C ASP A 1256 59.93 -0.55 7.49
N GLU A 1257 61.10 0.07 7.53
CA GLU A 1257 61.21 1.45 7.98
C GLU A 1257 60.62 2.41 6.96
N PRO A 1258 60.12 3.56 7.41
CA PRO A 1258 59.63 4.56 6.45
C PRO A 1258 60.70 5.01 5.46
N TYR A 1259 61.96 5.08 5.90
CA TYR A 1259 63.04 5.40 4.97
C TYR A 1259 63.20 4.32 3.92
N VAL A 1260 63.09 3.06 4.32
CA VAL A 1260 63.17 1.96 3.36
C VAL A 1260 62.00 2.02 2.38
N LEU A 1261 60.81 2.36 2.89
CA LEU A 1261 59.64 2.49 2.02
C LEU A 1261 59.84 3.62 1.03
N LEU A 1262 60.42 4.74 1.48
CA LEU A 1262 60.68 5.86 0.58
C LEU A 1262 61.72 5.48 -0.48
N GLN A 1263 62.77 4.75 -0.07
CA GLN A 1263 63.81 4.37 -1.01
C GLN A 1263 63.38 3.27 -1.97
N ASN A 1264 62.60 2.29 -1.50
CA ASN A 1264 62.26 1.14 -2.32
C ASN A 1264 61.35 1.56 -3.46
N LYS A 1265 61.82 1.35 -4.69
CA LYS A 1265 60.99 1.64 -5.86
C LYS A 1265 59.78 0.71 -5.93
N GLU A 1266 59.97 -0.57 -5.62
CA GLU A 1266 58.90 -1.55 -5.73
C GLU A 1266 57.92 -1.48 -4.56
N SER A 1267 58.23 -0.73 -3.50
CA SER A 1267 57.31 -0.61 -2.40
C SER A 1267 56.05 0.13 -2.85
N LEU A 1268 54.89 -0.42 -2.53
CA LEU A 1268 53.62 0.14 -3.01
C LEU A 1268 53.41 1.54 -2.47
N PHE A 1269 53.83 1.79 -1.22
CA PHE A 1269 53.70 3.13 -0.66
C PHE A 1269 54.45 4.16 -1.50
N TYR A 1270 55.70 3.85 -1.86
CA TYR A 1270 56.46 4.76 -2.72
C TYR A 1270 55.85 4.84 -4.11
N LYS A 1271 55.18 3.78 -4.56
CA LYS A 1271 54.51 3.81 -5.85
C LYS A 1271 53.38 4.84 -5.86
N MET A 1272 52.49 4.78 -4.88
CA MET A 1272 51.50 5.84 -4.77
C MET A 1272 52.13 7.20 -4.50
N VAL A 1273 53.24 7.25 -3.76
CA VAL A 1273 53.89 8.52 -3.48
C VAL A 1273 54.35 9.19 -4.77
N GLN A 1274 54.95 8.42 -5.67
CA GLN A 1274 55.30 8.94 -6.98
C GLN A 1274 54.04 9.28 -7.79
N GLN A 1275 52.96 8.52 -7.60
CA GLN A 1275 51.79 8.69 -8.45
C GLN A 1275 51.03 9.98 -8.13
N LEU A 1276 50.79 10.27 -6.85
CA LEU A 1276 49.97 11.45 -6.57
C LEU A 1276 50.80 12.73 -6.65
N GLY A 1277 52.11 12.63 -6.44
CA GLY A 1277 53.01 13.76 -6.60
C GLY A 1277 53.30 14.55 -5.34
N LYS A 1278 52.66 14.23 -4.21
CA LYS A 1278 52.87 14.99 -3.00
C LYS A 1278 54.28 14.74 -2.44
N ALA A 1279 54.79 15.71 -1.71
CA ALA A 1279 56.08 15.60 -1.03
C ALA A 1279 55.90 15.77 0.47
N GLU A 1280 56.91 15.33 1.22
CA GLU A 1280 56.89 15.45 2.67
C GLU A 1280 56.83 16.91 3.13
#